data_4ZEP
#
_entry.id   4ZEP
#
_cell.length_a   107.158
_cell.length_b   68.944
_cell.length_c   152.896
_cell.angle_alpha   90.00
_cell.angle_beta   100.39
_cell.angle_gamma   90.00
#
_symmetry.space_group_name_H-M   'C 1 2 1'
#
loop_
_entity.id
_entity.type
_entity.pdbx_description
1 polymer 'Putative 6-phospho-beta-galactobiosidase'
2 non-polymer 6-O-phosphono-beta-D-glucopyranose
3 non-polymer GLYCEROL
4 non-polymer IMIDAZOLE
5 water water
#
_entity_poly.entity_id   1
_entity_poly.type   'polypeptide(L)'
_entity_poly.pdbx_seq_one_letter_code
;MIHHHHHHEHRHLKPFPPEFLWGAASAAYQVEGAWNEDGKGLSVWDVFAKQPGRTFKGTNGDVAVDHYHRYQEDVALMAE
MGLKAYRFSVSWSRVFPDGNGAVNEKGLDFYDRLIEELRNHGIEPIVTLYHWDVPQALMDAYGAWESRRIIDDFDRYAVT
LFQRFGDRVKYWVTLNEQNIFISFGYRLGLHPPGVKDMKRMYEANHIANLANAKVIQSFRHYVPDGKIGPSFAYSPMYPY
DSRPENVLAFENAEEFQNHWWMDVYAWGMYPQAAWNYLESQGLEPTVAPGDWELLQAAKPDFMGVNYYQTTTVEHNPPDG
VGEGVMNTTGKKGTSTSSGIPGLFKTVRNPHVDTTNWDWAIDPVGLRIGLRRIANRYQLPILITENGLGEFDTLEPGDIV
NDDYRIDYLRRHVQEIQRAITDGVDVLGYCAWSFTDLLSWLNGYQKRYGFVYVNRDDESEKDLRRIKKKSFYWYQRVIET
NGAEL
;
_entity_poly.pdbx_strand_id   A,B
#
loop_
_chem_comp.id
_chem_comp.type
_chem_comp.name
_chem_comp.formula
BG6 D-saccharide, beta linking 6-O-phosphono-beta-D-glucopyranose 'C6 H13 O9 P'
GOL non-polymer GLYCEROL 'C3 H8 O3'
IMD non-polymer IMIDAZOLE 'C3 H5 N2 1'
#
# COMPACT_ATOMS: atom_id res chain seq x y z
N HIS A 12 -26.84 -0.26 1.94
CA HIS A 12 -27.43 0.50 0.82
C HIS A 12 -26.40 0.92 -0.25
N LEU A 13 -26.45 0.27 -1.42
CA LEU A 13 -25.40 0.50 -2.43
C LEU A 13 -25.56 1.75 -3.26
N LYS A 14 -24.45 2.41 -3.57
CA LYS A 14 -24.46 3.49 -4.55
C LYS A 14 -24.88 2.92 -5.88
N PRO A 15 -25.52 3.72 -6.71
CA PRO A 15 -25.85 3.16 -7.99
C PRO A 15 -24.68 3.32 -8.94
N PHE A 16 -24.71 2.54 -10.03
CA PHE A 16 -23.69 2.71 -11.07
C PHE A 16 -23.91 4.12 -11.61
N PRO A 17 -22.84 4.89 -11.84
CA PRO A 17 -23.11 6.26 -12.21
C PRO A 17 -23.78 6.35 -13.57
N PRO A 18 -24.37 7.50 -13.88
CA PRO A 18 -25.21 7.60 -15.08
C PRO A 18 -24.49 7.39 -16.45
N GLU A 19 -23.23 7.82 -16.56
CA GLU A 19 -22.46 7.56 -17.80
C GLU A 19 -21.57 6.29 -17.76
N PHE A 20 -21.85 5.34 -16.87
CA PHE A 20 -20.96 4.20 -16.64
C PHE A 20 -20.86 3.41 -17.93
N LEU A 21 -19.60 3.18 -18.36
CA LEU A 21 -19.36 2.56 -19.66
C LEU A 21 -19.50 1.04 -19.53
N TRP A 22 -20.71 0.52 -19.78
CA TRP A 22 -20.98 -0.89 -19.79
C TRP A 22 -20.48 -1.42 -21.14
N GLY A 23 -19.47 -2.27 -21.10
CA GLY A 23 -18.70 -2.51 -22.30
C GLY A 23 -18.44 -4.00 -22.48
N ALA A 24 -17.78 -4.30 -23.59
CA ALA A 24 -17.13 -5.57 -23.81
C ALA A 24 -15.92 -5.35 -24.75
N ALA A 25 -15.08 -6.34 -24.91
CA ALA A 25 -13.77 -6.11 -25.44
C ALA A 25 -13.27 -7.23 -26.30
N SER A 26 -12.27 -6.90 -27.12
CA SER A 26 -11.52 -7.90 -27.92
C SER A 26 -10.08 -7.36 -28.11
N ALA A 27 -9.28 -8.13 -28.83
CA ALA A 27 -7.95 -7.75 -29.24
C ALA A 27 -7.80 -8.20 -30.71
N ALA A 28 -7.06 -7.45 -31.47
CA ALA A 28 -7.15 -7.55 -32.92
C ALA A 28 -6.67 -8.95 -33.46
N TYR A 29 -5.61 -9.48 -32.89
CA TYR A 29 -5.09 -10.74 -33.38
C TYR A 29 -6.04 -11.84 -33.08
N GLN A 30 -6.65 -11.76 -31.93
CA GLN A 30 -7.55 -12.78 -31.47
C GLN A 30 -8.88 -12.88 -32.32
N VAL A 31 -9.25 -11.81 -33.01
CA VAL A 31 -10.57 -11.61 -33.57
C VAL A 31 -10.60 -11.31 -35.07
N GLU A 32 -9.60 -10.62 -35.62
CA GLU A 32 -9.75 -10.01 -36.96
C GLU A 32 -9.63 -10.98 -38.11
N GLY A 33 -8.62 -11.85 -38.06
CA GLY A 33 -8.22 -12.54 -39.29
C GLY A 33 -7.68 -11.59 -40.32
N ALA A 34 -7.89 -11.88 -41.59
CA ALA A 34 -7.43 -11.00 -42.67
C ALA A 34 -5.94 -10.57 -42.49
N TRP A 35 -5.09 -11.55 -42.13
CA TRP A 35 -3.72 -11.38 -41.64
C TRP A 35 -2.78 -10.92 -42.70
N ASN A 36 -3.13 -11.18 -43.94
CA ASN A 36 -2.41 -10.69 -45.08
C ASN A 36 -3.28 -9.94 -46.14
N GLU A 37 -4.34 -9.29 -45.71
CA GLU A 37 -5.19 -8.55 -46.62
C GLU A 37 -5.05 -7.06 -46.57
N ASP A 38 -5.34 -6.42 -47.72
CA ASP A 38 -5.50 -4.96 -47.80
C ASP A 38 -4.22 -4.25 -47.35
N GLY A 39 -3.08 -4.84 -47.63
CA GLY A 39 -1.77 -4.28 -47.31
C GLY A 39 -1.16 -4.59 -45.92
N LYS A 40 -1.87 -5.31 -45.05
CA LYS A 40 -1.34 -5.61 -43.74
C LYS A 40 0.02 -6.27 -43.80
N GLY A 41 0.97 -5.78 -43.03
CA GLY A 41 2.25 -6.47 -42.81
C GLY A 41 2.16 -7.57 -41.72
N LEU A 42 3.23 -8.35 -41.63
CA LEU A 42 3.34 -9.37 -40.62
C LEU A 42 3.55 -8.75 -39.24
N SER A 43 2.81 -9.22 -38.24
CA SER A 43 3.11 -8.97 -36.86
C SER A 43 4.04 -10.02 -36.29
N VAL A 44 4.60 -9.77 -35.09
CA VAL A 44 5.39 -10.81 -34.42
C VAL A 44 4.53 -12.05 -34.16
N TRP A 45 3.22 -11.86 -34.01
CA TRP A 45 2.37 -13.01 -33.79
C TRP A 45 2.02 -13.82 -35.04
N ASP A 46 1.88 -13.18 -36.21
CA ASP A 46 1.72 -13.95 -37.43
C ASP A 46 2.92 -14.94 -37.52
N VAL A 47 4.13 -14.46 -37.24
CA VAL A 47 5.29 -15.24 -37.43
C VAL A 47 5.38 -16.31 -36.29
N PHE A 48 5.23 -15.95 -35.04
CA PHE A 48 5.36 -16.89 -33.90
C PHE A 48 4.36 -18.06 -33.87
N ALA A 49 3.11 -17.78 -34.06
CA ALA A 49 2.11 -18.81 -34.00
C ALA A 49 2.32 -19.80 -35.11
N LYS A 50 3.06 -19.45 -36.16
CA LYS A 50 3.32 -20.48 -37.22
C LYS A 50 4.59 -21.32 -37.01
N GLN A 51 5.34 -21.06 -35.95
CA GLN A 51 6.44 -21.93 -35.56
C GLN A 51 5.87 -23.14 -34.89
N PRO A 52 6.39 -24.30 -35.28
CA PRO A 52 5.74 -25.53 -34.84
C PRO A 52 5.89 -25.68 -33.35
N GLY A 53 4.82 -26.05 -32.65
CA GLY A 53 4.91 -26.28 -31.23
C GLY A 53 4.54 -25.09 -30.41
N ARG A 54 4.48 -23.88 -31.00
CA ARG A 54 4.18 -22.70 -30.15
C ARG A 54 2.77 -22.62 -29.63
N THR A 55 1.81 -23.19 -30.37
CA THR A 55 0.40 -22.92 -30.04
C THR A 55 -0.42 -24.18 -30.10
N PHE A 56 -1.49 -24.22 -29.31
CA PHE A 56 -2.32 -25.42 -29.28
C PHE A 56 -2.80 -25.83 -30.65
N LYS A 57 -2.36 -27.01 -31.06
CA LYS A 57 -2.82 -27.60 -32.31
C LYS A 57 -2.52 -26.77 -33.51
N GLY A 58 -1.45 -25.97 -33.43
CA GLY A 58 -1.10 -25.16 -34.56
C GLY A 58 -2.07 -23.99 -34.84
N THR A 59 -2.94 -23.65 -33.88
CA THR A 59 -3.92 -22.61 -34.10
C THR A 59 -3.25 -21.24 -34.28
N ASN A 60 -3.81 -20.43 -35.18
CA ASN A 60 -3.25 -19.11 -35.41
C ASN A 60 -4.31 -18.10 -35.87
N GLY A 61 -3.88 -16.86 -36.07
CA GLY A 61 -4.79 -15.76 -36.32
C GLY A 61 -5.06 -15.41 -37.77
N ASP A 62 -4.75 -16.34 -38.65
CA ASP A 62 -4.92 -16.10 -40.04
C ASP A 62 -6.32 -15.68 -40.30
N VAL A 63 -7.29 -16.39 -39.70
CA VAL A 63 -8.71 -16.14 -39.86
C VAL A 63 -9.36 -15.76 -38.54
N ALA A 64 -8.92 -16.38 -37.46
CA ALA A 64 -9.50 -16.14 -36.15
C ALA A 64 -11.03 -16.32 -36.24
N VAL A 65 -11.84 -15.31 -35.92
CA VAL A 65 -13.26 -15.38 -36.14
C VAL A 65 -13.72 -14.36 -37.18
N ASP A 66 -12.76 -13.85 -37.98
CA ASP A 66 -13.02 -13.07 -39.18
C ASP A 66 -13.81 -11.79 -38.98
N HIS A 67 -13.48 -11.11 -37.88
CA HIS A 67 -14.15 -9.93 -37.51
C HIS A 67 -13.83 -8.79 -38.53
N TYR A 68 -12.69 -8.89 -39.19
CA TYR A 68 -12.33 -7.93 -40.17
C TYR A 68 -13.40 -7.82 -41.28
N HIS A 69 -13.91 -8.93 -41.74
CA HIS A 69 -14.96 -8.93 -42.77
C HIS A 69 -16.35 -8.80 -42.21
N ARG A 70 -16.55 -9.19 -40.95
CA ARG A 70 -17.88 -9.42 -40.39
C ARG A 70 -18.22 -8.43 -39.27
N TYR A 71 -17.44 -7.38 -39.19
CA TYR A 71 -17.62 -6.33 -38.16
C TYR A 71 -18.99 -5.71 -38.15
N GLN A 72 -19.65 -5.60 -39.29
CA GLN A 72 -21.00 -5.03 -39.34
C GLN A 72 -22.00 -5.89 -38.61
N GLU A 73 -21.96 -7.19 -38.86
CA GLU A 73 -22.78 -8.16 -38.09
C GLU A 73 -22.43 -8.05 -36.62
N ASP A 74 -21.14 -8.07 -36.28
CA ASP A 74 -20.76 -8.00 -34.84
C ASP A 74 -21.24 -6.67 -34.21
N VAL A 75 -21.14 -5.57 -34.93
CA VAL A 75 -21.60 -4.32 -34.36
C VAL A 75 -23.16 -4.33 -34.13
N ALA A 76 -23.93 -4.93 -35.02
CA ALA A 76 -25.37 -4.99 -34.85
C ALA A 76 -25.73 -5.81 -33.66
N LEU A 77 -24.95 -6.87 -33.39
CA LEU A 77 -25.13 -7.62 -32.17
C LEU A 77 -24.83 -6.84 -30.90
N MET A 78 -23.74 -6.09 -30.95
CA MET A 78 -23.47 -5.12 -29.87
C MET A 78 -24.65 -4.16 -29.63
N ALA A 79 -25.24 -3.66 -30.72
CA ALA A 79 -26.38 -2.74 -30.67
C ALA A 79 -27.62 -3.42 -30.12
N GLU A 80 -27.79 -4.68 -30.43
CA GLU A 80 -28.88 -5.41 -29.90
C GLU A 80 -28.68 -5.66 -28.38
N MET A 81 -27.47 -5.96 -27.97
CA MET A 81 -27.17 -6.11 -26.56
C MET A 81 -27.30 -4.80 -25.81
N GLY A 82 -27.16 -3.69 -26.49
CA GLY A 82 -27.30 -2.42 -25.88
C GLY A 82 -26.00 -1.91 -25.31
N LEU A 83 -24.89 -2.54 -25.70
CA LEU A 83 -23.56 -2.09 -25.28
C LEU A 83 -23.36 -0.61 -25.29
N LYS A 84 -22.85 -0.05 -24.20
CA LYS A 84 -22.50 1.37 -24.16
C LYS A 84 -21.09 1.68 -24.69
N ALA A 85 -20.18 0.72 -24.51
CA ALA A 85 -18.82 0.87 -25.06
C ALA A 85 -18.25 -0.45 -25.64
N TYR A 86 -17.39 -0.36 -26.65
CA TYR A 86 -16.67 -1.50 -27.16
C TYR A 86 -15.20 -1.19 -27.25
N ARG A 87 -14.41 -2.01 -26.56
CA ARG A 87 -12.99 -1.83 -26.52
C ARG A 87 -12.35 -2.81 -27.46
N PHE A 88 -11.57 -2.31 -28.39
CA PHE A 88 -10.85 -3.13 -29.35
C PHE A 88 -9.43 -2.62 -29.47
N SER A 89 -8.52 -3.35 -30.09
CA SER A 89 -7.19 -2.85 -30.32
C SER A 89 -6.97 -2.65 -31.78
N VAL A 90 -6.05 -1.75 -32.11
CA VAL A 90 -5.66 -1.50 -33.48
C VAL A 90 -4.42 -2.33 -33.78
N SER A 91 -4.46 -3.07 -34.89
CA SER A 91 -3.32 -3.80 -35.34
C SER A 91 -2.32 -2.85 -36.00
N TRP A 92 -1.20 -2.61 -35.32
CA TRP A 92 -0.14 -1.77 -35.82
C TRP A 92 0.35 -2.18 -37.21
N SER A 93 0.41 -3.46 -37.45
CA SER A 93 0.87 -3.94 -38.73
C SER A 93 -0.14 -3.72 -39.91
N ARG A 94 -1.41 -3.47 -39.61
CA ARG A 94 -2.32 -2.95 -40.67
C ARG A 94 -2.06 -1.49 -40.97
N VAL A 95 -1.65 -0.72 -39.99
CA VAL A 95 -1.46 0.77 -40.26
C VAL A 95 -0.08 1.09 -40.87
N PHE A 96 0.96 0.48 -40.31
CA PHE A 96 2.32 0.48 -40.83
C PHE A 96 2.82 -0.94 -41.09
N PRO A 97 2.68 -1.42 -42.32
CA PRO A 97 3.08 -2.77 -42.60
C PRO A 97 4.50 -3.11 -42.23
N ASP A 98 5.39 -2.12 -42.33
CA ASP A 98 6.79 -2.33 -41.97
C ASP A 98 7.10 -1.59 -40.66
N GLY A 99 6.05 -1.23 -39.94
CA GLY A 99 6.17 -0.67 -38.60
C GLY A 99 6.44 0.84 -38.48
N ASN A 100 7.27 1.37 -39.35
CA ASN A 100 7.74 2.76 -39.25
C ASN A 100 7.90 3.48 -40.60
N GLY A 101 7.45 2.86 -41.69
CA GLY A 101 7.54 3.45 -43.00
C GLY A 101 6.30 4.25 -43.35
N ALA A 102 5.81 4.01 -44.53
CA ALA A 102 4.67 4.77 -44.99
C ALA A 102 3.35 4.08 -44.52
N VAL A 103 2.32 4.87 -44.32
CA VAL A 103 1.03 4.34 -43.82
C VAL A 103 0.19 3.71 -44.91
N ASN A 104 -0.43 2.60 -44.53
CA ASN A 104 -1.37 1.84 -45.26
C ASN A 104 -2.73 2.43 -44.97
N GLU A 105 -3.18 3.30 -45.88
CA GLU A 105 -4.46 3.93 -45.75
C GLU A 105 -5.63 2.95 -45.63
N LYS A 106 -5.60 1.87 -46.39
CA LYS A 106 -6.62 0.84 -46.25
C LYS A 106 -6.75 0.28 -44.83
N GLY A 107 -5.61 0.25 -44.11
CA GLY A 107 -5.55 -0.25 -42.71
C GLY A 107 -6.23 0.79 -41.83
N LEU A 108 -5.87 2.06 -41.97
CA LEU A 108 -6.64 3.05 -41.22
C LEU A 108 -8.15 3.04 -41.57
N ASP A 109 -8.47 2.73 -42.82
CA ASP A 109 -9.84 2.85 -43.31
C ASP A 109 -10.73 1.78 -42.65
N PHE A 110 -10.15 0.62 -42.33
CA PHE A 110 -10.93 -0.32 -41.64
C PHE A 110 -11.29 0.21 -40.24
N TYR A 111 -10.34 0.74 -39.51
CA TYR A 111 -10.71 1.24 -38.20
C TYR A 111 -11.64 2.42 -38.25
N ASP A 112 -11.55 3.22 -39.32
CA ASP A 112 -12.48 4.30 -39.54
C ASP A 112 -13.93 3.74 -39.74
N ARG A 113 -14.08 2.71 -40.59
CA ARG A 113 -15.39 2.09 -40.85
C ARG A 113 -15.91 1.46 -39.57
N LEU A 114 -15.01 0.93 -38.76
CA LEU A 114 -15.44 0.28 -37.54
C LEU A 114 -16.00 1.30 -36.57
N ILE A 115 -15.23 2.33 -36.40
CA ILE A 115 -15.59 3.41 -35.46
C ILE A 115 -16.88 4.12 -35.87
N GLU A 116 -17.00 4.36 -37.18
CA GLU A 116 -18.23 4.91 -37.73
C GLU A 116 -19.43 3.96 -37.50
N GLU A 117 -19.19 2.65 -37.61
CA GLU A 117 -20.26 1.72 -37.38
C GLU A 117 -20.62 1.74 -35.91
N LEU A 118 -19.67 1.91 -35.03
CA LEU A 118 -20.01 1.95 -33.64
C LEU A 118 -20.80 3.23 -33.27
N ARG A 119 -20.34 4.35 -33.79
CA ARG A 119 -20.95 5.60 -33.46
C ARG A 119 -22.37 5.70 -33.99
N ASN A 120 -22.61 5.18 -35.17
CA ASN A 120 -23.92 5.18 -35.72
C ASN A 120 -24.86 4.28 -34.99
N HIS A 121 -24.41 3.41 -34.09
CA HIS A 121 -25.34 2.72 -33.20
C HIS A 121 -25.19 3.22 -31.78
N GLY A 122 -24.59 4.38 -31.60
CA GLY A 122 -24.47 4.92 -30.28
C GLY A 122 -23.56 4.21 -29.30
N ILE A 123 -22.56 3.50 -29.79
CA ILE A 123 -21.61 2.78 -28.91
C ILE A 123 -20.31 3.59 -28.87
N GLU A 124 -19.82 3.80 -27.66
CA GLU A 124 -18.56 4.51 -27.44
C GLU A 124 -17.35 3.61 -27.76
N PRO A 125 -16.51 4.05 -28.72
CA PRO A 125 -15.29 3.23 -28.96
C PRO A 125 -14.20 3.46 -27.92
N ILE A 126 -13.58 2.38 -27.42
CA ILE A 126 -12.42 2.52 -26.56
C ILE A 126 -11.23 1.92 -27.32
N VAL A 127 -10.32 2.76 -27.74
CA VAL A 127 -9.26 2.27 -28.59
C VAL A 127 -8.04 1.87 -27.75
N THR A 128 -7.60 0.61 -27.92
CA THR A 128 -6.35 0.14 -27.33
C THR A 128 -5.26 0.21 -28.39
N LEU A 129 -4.19 0.90 -28.09
CA LEU A 129 -3.11 1.07 -29.08
C LEU A 129 -2.25 -0.19 -29.34
N TYR A 130 -2.01 -0.96 -28.29
CA TYR A 130 -1.09 -2.05 -28.35
C TYR A 130 -1.59 -3.20 -27.55
N HIS A 131 -1.94 -4.25 -28.28
CA HIS A 131 -2.23 -5.56 -27.75
C HIS A 131 -1.38 -6.69 -28.36
N TRP A 132 -0.08 -6.49 -28.22
CA TRP A 132 0.96 -7.49 -28.29
C TRP A 132 1.53 -7.76 -29.68
N ASP A 133 1.07 -7.03 -30.69
CA ASP A 133 1.26 -7.39 -32.10
C ASP A 133 2.18 -6.46 -32.80
N VAL A 134 3.32 -6.13 -32.18
CA VAL A 134 4.27 -5.18 -32.81
C VAL A 134 4.64 -5.76 -34.21
N PRO A 135 4.78 -4.90 -35.24
CA PRO A 135 5.21 -5.44 -36.50
C PRO A 135 6.53 -6.15 -36.55
N GLN A 136 6.54 -7.27 -37.26
CA GLN A 136 7.73 -8.13 -37.33
C GLN A 136 8.91 -7.36 -37.82
N ALA A 137 8.67 -6.37 -38.68
CA ALA A 137 9.80 -5.66 -39.29
C ALA A 137 10.55 -4.83 -38.26
N LEU A 138 9.88 -4.42 -37.20
CA LEU A 138 10.61 -3.78 -36.07
C LEU A 138 11.40 -4.76 -35.21
N MET A 139 10.91 -5.98 -35.03
CA MET A 139 11.66 -7.02 -34.39
C MET A 139 12.89 -7.31 -35.26
N ASP A 140 12.71 -7.36 -36.59
CA ASP A 140 13.82 -7.65 -37.50
C ASP A 140 14.84 -6.51 -37.46
N ALA A 141 14.41 -5.26 -37.55
CA ALA A 141 15.33 -4.16 -37.68
C ALA A 141 16.08 -3.92 -36.39
N TYR A 142 15.43 -4.02 -35.21
CA TYR A 142 16.14 -3.67 -33.98
C TYR A 142 15.77 -4.33 -32.73
N GLY A 143 15.05 -5.44 -32.83
CA GLY A 143 14.67 -6.15 -31.66
C GLY A 143 13.45 -5.56 -30.93
N ALA A 144 12.65 -4.75 -31.63
CA ALA A 144 11.37 -4.22 -31.11
C ALA A 144 11.42 -3.60 -29.71
N TRP A 145 10.75 -4.17 -28.71
CA TRP A 145 10.67 -3.57 -27.33
C TRP A 145 12.01 -3.52 -26.59
N GLU A 146 13.01 -4.29 -27.05
CA GLU A 146 14.38 -4.19 -26.50
C GLU A 146 15.22 -3.01 -26.90
N SER A 147 14.76 -2.24 -27.86
CA SER A 147 15.50 -1.07 -28.29
C SER A 147 14.71 0.24 -28.08
N ARG A 148 15.46 1.30 -27.80
CA ARG A 148 14.88 2.61 -27.62
C ARG A 148 14.30 3.17 -28.92
N ARG A 149 14.72 2.63 -30.04
CA ARG A 149 14.14 3.05 -31.29
C ARG A 149 12.62 2.92 -31.27
N ILE A 150 12.10 1.94 -30.53
CA ILE A 150 10.66 1.74 -30.49
C ILE A 150 9.89 2.91 -29.87
N ILE A 151 10.54 3.74 -29.06
CA ILE A 151 9.81 4.81 -28.35
C ILE A 151 9.22 5.77 -29.39
N ASP A 152 10.10 6.23 -30.30
CA ASP A 152 9.64 7.04 -31.39
C ASP A 152 8.79 6.40 -32.44
N ASP A 153 8.99 5.09 -32.70
CA ASP A 153 8.17 4.40 -33.65
C ASP A 153 6.77 4.21 -33.10
N PHE A 154 6.64 3.87 -31.81
CA PHE A 154 5.34 3.69 -31.20
C PHE A 154 4.60 5.05 -31.13
N ASP A 155 5.37 6.11 -30.90
CA ASP A 155 4.84 7.44 -30.86
C ASP A 155 4.32 7.88 -32.25
N ARG A 156 5.05 7.65 -33.34
CA ARG A 156 4.54 7.97 -34.64
C ARG A 156 3.20 7.29 -34.89
N TYR A 157 3.10 6.03 -34.47
CA TYR A 157 1.95 5.21 -34.70
C TYR A 157 0.79 5.76 -33.85
N ALA A 158 1.05 6.00 -32.59
CA ALA A 158 0.01 6.53 -31.73
C ALA A 158 -0.58 7.86 -32.19
N VAL A 159 0.29 8.78 -32.59
CA VAL A 159 -0.11 10.09 -33.01
C VAL A 159 -0.89 9.95 -34.35
N THR A 160 -0.47 9.04 -35.22
CA THR A 160 -1.21 8.75 -36.44
C THR A 160 -2.69 8.44 -36.08
N LEU A 161 -2.89 7.60 -35.08
CA LEU A 161 -4.25 7.30 -34.58
C LEU A 161 -4.96 8.47 -33.92
N PHE A 162 -4.26 9.19 -33.05
CA PHE A 162 -4.77 10.35 -32.39
C PHE A 162 -5.33 11.40 -33.40
N GLN A 163 -4.60 11.67 -34.45
CA GLN A 163 -5.02 12.64 -35.37
C GLN A 163 -6.17 12.16 -36.19
N ARG A 164 -6.18 10.87 -36.56
CA ARG A 164 -7.22 10.40 -37.42
C ARG A 164 -8.50 10.18 -36.66
N PHE A 165 -8.44 9.81 -35.37
CA PHE A 165 -9.63 9.37 -34.65
C PHE A 165 -9.94 10.14 -33.37
N GLY A 166 -9.07 11.08 -33.01
CA GLY A 166 -9.16 11.75 -31.73
C GLY A 166 -10.44 12.53 -31.58
N ASP A 167 -10.93 13.10 -32.68
CA ASP A 167 -12.22 13.76 -32.62
C ASP A 167 -13.42 12.81 -32.40
N ARG A 168 -13.28 11.50 -32.57
CA ARG A 168 -14.41 10.58 -32.38
C ARG A 168 -14.24 9.58 -31.25
N VAL A 169 -13.03 9.54 -30.67
CA VAL A 169 -12.73 8.60 -29.62
C VAL A 169 -12.19 9.41 -28.47
N LYS A 170 -12.84 9.27 -27.33
CA LYS A 170 -12.46 9.96 -26.12
C LYS A 170 -11.61 9.10 -25.21
N TYR A 171 -11.88 7.81 -25.14
CA TYR A 171 -11.20 6.87 -24.27
C TYR A 171 -10.11 6.01 -24.95
N TRP A 172 -8.86 6.10 -24.48
CA TRP A 172 -7.82 5.34 -25.04
C TRP A 172 -6.99 4.57 -24.01
N VAL A 173 -6.51 3.40 -24.45
CA VAL A 173 -5.62 2.56 -23.66
C VAL A 173 -4.33 2.45 -24.42
N THR A 174 -3.24 2.61 -23.70
CA THR A 174 -1.92 2.61 -24.31
C THR A 174 -1.41 1.16 -24.47
N LEU A 175 -0.67 0.64 -23.48
CA LEU A 175 -0.18 -0.70 -23.49
C LEU A 175 -1.11 -1.56 -22.69
N ASN A 176 -1.65 -2.59 -23.32
CA ASN A 176 -2.48 -3.52 -22.66
C ASN A 176 -1.65 -4.66 -22.04
N GLU A 177 -1.64 -4.78 -20.73
CA GLU A 177 -0.94 -5.79 -20.02
C GLU A 177 0.54 -5.94 -20.39
N GLN A 178 1.26 -4.85 -20.28
CA GLN A 178 2.68 -4.84 -20.44
C GLN A 178 3.40 -5.86 -19.61
N ASN A 179 2.92 -6.09 -18.43
CA ASN A 179 3.50 -7.14 -17.60
C ASN A 179 3.40 -8.50 -18.19
N ILE A 180 2.35 -8.78 -18.93
CA ILE A 180 2.27 -10.10 -19.59
C ILE A 180 3.11 -10.12 -20.84
N PHE A 181 2.95 -9.18 -21.77
CA PHE A 181 3.67 -9.36 -23.00
C PHE A 181 5.17 -9.27 -22.79
N ILE A 182 5.60 -8.47 -21.83
CA ILE A 182 7.03 -8.40 -21.52
C ILE A 182 7.51 -9.67 -20.80
N SER A 183 6.79 -10.16 -19.79
CA SER A 183 7.35 -11.29 -19.08
C SER A 183 7.15 -12.59 -19.84
N PHE A 184 6.06 -12.74 -20.54
CA PHE A 184 5.88 -13.92 -21.36
C PHE A 184 6.86 -13.93 -22.56
N GLY A 185 7.21 -12.76 -23.02
CA GLY A 185 8.09 -12.66 -24.16
C GLY A 185 9.58 -12.78 -23.89
N TYR A 186 10.01 -12.41 -22.69
CA TYR A 186 11.43 -12.25 -22.34
C TYR A 186 11.88 -12.99 -21.10
N ARG A 187 10.96 -13.39 -20.24
CA ARG A 187 11.29 -14.25 -19.09
C ARG A 187 10.85 -15.67 -19.29
N LEU A 188 9.60 -15.90 -19.65
CA LEU A 188 9.10 -17.27 -19.82
C LEU A 188 9.25 -17.84 -21.21
N GLY A 189 9.52 -17.03 -22.22
CA GLY A 189 9.70 -17.59 -23.57
C GLY A 189 8.47 -18.12 -24.24
N LEU A 190 7.28 -17.76 -23.75
CA LEU A 190 6.02 -18.35 -24.21
C LEU A 190 5.33 -17.47 -25.31
N HIS A 191 5.71 -16.21 -25.41
CA HIS A 191 5.21 -15.26 -26.38
C HIS A 191 6.46 -14.78 -27.17
N PRO A 192 6.26 -14.13 -28.32
CA PRO A 192 7.43 -13.56 -29.03
C PRO A 192 8.11 -12.47 -28.22
N PRO A 193 9.45 -12.42 -28.23
CA PRO A 193 10.27 -13.17 -29.18
C PRO A 193 10.75 -14.48 -28.65
N GLY A 194 10.14 -14.97 -27.58
CA GLY A 194 10.48 -16.27 -27.05
C GLY A 194 11.80 -16.32 -26.29
N VAL A 195 12.13 -15.29 -25.51
CA VAL A 195 13.40 -15.19 -24.84
C VAL A 195 13.12 -15.52 -23.40
N LYS A 196 14.13 -16.10 -22.75
CA LYS A 196 14.08 -16.50 -21.32
C LYS A 196 15.31 -15.91 -20.65
N ASP A 197 15.27 -14.61 -20.40
CA ASP A 197 16.47 -13.88 -19.95
C ASP A 197 15.96 -12.68 -19.17
N MET A 198 16.14 -12.74 -17.86
CA MET A 198 15.57 -11.73 -16.97
C MET A 198 16.12 -10.34 -17.17
N LYS A 199 17.43 -10.27 -17.38
CA LYS A 199 18.08 -9.02 -17.69
C LYS A 199 17.38 -8.36 -18.91
N ARG A 200 17.19 -9.16 -19.97
CA ARG A 200 16.61 -8.56 -21.18
C ARG A 200 15.17 -8.22 -20.91
N MET A 201 14.50 -9.02 -20.09
CA MET A 201 13.15 -8.67 -19.69
C MET A 201 13.03 -7.26 -19.07
N TYR A 202 13.87 -6.99 -18.06
CA TYR A 202 13.77 -5.71 -17.36
C TYR A 202 14.19 -4.54 -18.26
N GLU A 203 15.12 -4.77 -19.19
CA GLU A 203 15.47 -3.70 -20.13
C GLU A 203 14.32 -3.36 -21.05
N ALA A 204 13.71 -4.38 -21.63
CA ALA A 204 12.55 -4.19 -22.53
C ALA A 204 11.37 -3.56 -21.76
N ASN A 205 11.26 -3.88 -20.49
CA ASN A 205 10.23 -3.33 -19.65
C ASN A 205 10.40 -1.88 -19.45
N HIS A 206 11.65 -1.48 -19.22
CA HIS A 206 11.96 -0.08 -19.05
C HIS A 206 11.69 0.66 -20.31
N ILE A 207 12.04 0.11 -21.46
CA ILE A 207 11.76 0.80 -22.68
C ILE A 207 10.23 0.95 -22.92
N ALA A 208 9.46 -0.08 -22.63
CA ALA A 208 7.98 0.05 -22.70
C ALA A 208 7.39 1.10 -21.78
N ASN A 209 7.96 1.22 -20.58
CA ASN A 209 7.57 2.31 -19.69
C ASN A 209 7.78 3.67 -20.34
N LEU A 210 8.94 3.86 -20.96
CA LEU A 210 9.20 5.09 -21.64
C LEU A 210 8.25 5.33 -22.82
N ALA A 211 8.02 4.34 -23.61
CA ALA A 211 7.11 4.46 -24.74
C ALA A 211 5.73 4.85 -24.28
N ASN A 212 5.28 4.25 -23.20
CA ASN A 212 3.98 4.57 -22.60
C ASN A 212 3.88 6.04 -22.24
N ALA A 213 4.93 6.57 -21.62
CA ALA A 213 4.87 7.93 -21.10
C ALA A 213 4.97 8.89 -22.25
N LYS A 214 5.81 8.56 -23.18
CA LYS A 214 5.89 9.33 -24.39
C LYS A 214 4.56 9.49 -25.07
N VAL A 215 3.77 8.41 -25.19
CA VAL A 215 2.53 8.57 -25.93
C VAL A 215 1.46 9.29 -25.10
N ILE A 216 1.47 9.12 -23.80
CA ILE A 216 0.57 9.85 -22.94
C ILE A 216 0.87 11.35 -23.08
N GLN A 217 2.13 11.69 -23.14
CA GLN A 217 2.51 13.06 -23.36
C GLN A 217 2.05 13.60 -24.71
N SER A 218 2.29 12.87 -25.79
CA SER A 218 1.78 13.36 -27.07
C SER A 218 0.27 13.49 -27.05
N PHE A 219 -0.44 12.54 -26.39
CA PHE A 219 -1.89 12.58 -26.28
C PHE A 219 -2.40 13.94 -25.71
N ARG A 220 -1.69 14.51 -24.75
CA ARG A 220 -2.07 15.77 -24.14
C ARG A 220 -2.07 16.86 -25.17
N HIS A 221 -1.22 16.75 -26.18
CA HIS A 221 -1.22 17.73 -27.24
C HIS A 221 -2.30 17.51 -28.31
N TYR A 222 -2.45 16.28 -28.75
CA TYR A 222 -3.30 15.95 -29.87
C TYR A 222 -4.77 15.67 -29.49
N VAL A 223 -5.03 15.26 -28.26
CA VAL A 223 -6.38 14.95 -27.80
C VAL A 223 -6.59 15.57 -26.44
N PRO A 224 -6.68 16.92 -26.41
CA PRO A 224 -6.71 17.57 -25.10
C PRO A 224 -7.93 17.24 -24.26
N ASP A 225 -9.03 16.82 -24.87
CA ASP A 225 -10.19 16.44 -24.07
C ASP A 225 -10.36 14.94 -23.87
N GLY A 226 -9.42 14.14 -24.40
CA GLY A 226 -9.52 12.71 -24.22
C GLY A 226 -9.04 12.25 -22.84
N LYS A 227 -9.21 10.97 -22.59
CA LYS A 227 -8.77 10.33 -21.37
C LYS A 227 -8.00 9.11 -21.80
N ILE A 228 -6.86 8.85 -21.17
CA ILE A 228 -5.95 7.83 -21.59
C ILE A 228 -5.33 7.16 -20.36
N GLY A 229 -5.05 5.88 -20.48
CA GLY A 229 -4.31 5.19 -19.43
C GLY A 229 -3.75 3.88 -19.93
N PRO A 230 -2.79 3.33 -19.20
CA PRO A 230 -2.41 1.95 -19.48
C PRO A 230 -3.37 0.96 -18.89
N SER A 231 -3.31 -0.27 -19.33
CA SER A 231 -4.07 -1.28 -18.72
C SER A 231 -3.16 -2.38 -18.13
N PHE A 232 -3.25 -2.57 -16.82
CA PHE A 232 -2.41 -3.51 -16.10
C PHE A 232 -3.09 -4.84 -15.82
N ALA A 233 -2.46 -5.99 -16.12
CA ALA A 233 -2.99 -7.31 -15.70
C ALA A 233 -2.76 -7.53 -14.24
N TYR A 234 -3.82 -7.37 -13.45
CA TYR A 234 -3.71 -7.23 -12.03
C TYR A 234 -4.24 -8.49 -11.32
N SER A 235 -3.32 -9.25 -10.74
CA SER A 235 -3.71 -10.30 -9.80
C SER A 235 -3.25 -9.83 -8.42
N PRO A 236 -4.18 -9.29 -7.64
CA PRO A 236 -3.91 -8.90 -6.27
C PRO A 236 -3.35 -10.05 -5.43
N MET A 237 -2.29 -9.79 -4.69
CA MET A 237 -1.69 -10.86 -3.89
C MET A 237 -2.34 -10.88 -2.53
N TYR A 238 -2.43 -12.07 -1.97
CA TYR A 238 -2.81 -12.34 -0.61
C TYR A 238 -1.70 -13.15 0.09
N PRO A 239 -1.50 -12.97 1.43
CA PRO A 239 -0.67 -13.94 2.17
C PRO A 239 -1.50 -15.14 2.47
N TYR A 240 -0.89 -16.31 2.46
CA TYR A 240 -1.53 -17.54 2.86
C TYR A 240 -2.11 -17.46 4.30
N ASP A 241 -1.43 -16.78 5.22
CA ASP A 241 -1.93 -16.68 6.61
C ASP A 241 -1.14 -15.66 7.37
N SER A 242 -1.41 -15.56 8.67
CA SER A 242 -0.85 -14.51 9.55
C SER A 242 0.55 -14.86 10.06
N ARG A 243 1.13 -15.96 9.59
CA ARG A 243 2.52 -16.24 9.84
C ARG A 243 3.39 -15.09 9.29
N PRO A 244 4.21 -14.49 10.13
CA PRO A 244 4.87 -13.30 9.64
C PRO A 244 5.69 -13.43 8.36
N GLU A 245 6.36 -14.54 8.16
CA GLU A 245 7.13 -14.75 6.96
C GLU A 245 6.19 -14.84 5.72
N ASN A 246 4.96 -15.35 5.92
CA ASN A 246 4.01 -15.41 4.82
C ASN A 246 3.45 -14.03 4.49
N VAL A 247 3.25 -13.23 5.51
CA VAL A 247 2.92 -11.84 5.26
C VAL A 247 4.03 -11.11 4.53
N LEU A 248 5.25 -11.42 4.90
CA LEU A 248 6.36 -10.75 4.28
C LEU A 248 6.47 -11.18 2.82
N ALA A 249 6.25 -12.46 2.58
CA ALA A 249 6.22 -12.92 1.21
C ALA A 249 5.12 -12.12 0.43
N PHE A 250 3.98 -11.88 1.07
CA PHE A 250 2.95 -11.03 0.49
C PHE A 250 3.50 -9.66 0.13
N GLU A 251 4.31 -9.07 1.00
CA GLU A 251 4.80 -7.75 0.71
C GLU A 251 5.71 -7.82 -0.49
N ASN A 252 6.55 -8.85 -0.57
CA ASN A 252 7.44 -8.92 -1.71
C ASN A 252 6.66 -9.18 -2.98
N ALA A 253 5.63 -10.02 -2.90
CA ALA A 253 4.86 -10.39 -4.09
C ALA A 253 4.08 -9.23 -4.67
N GLU A 254 3.37 -8.49 -3.83
CA GLU A 254 2.62 -7.35 -4.28
C GLU A 254 3.58 -6.31 -4.86
N GLU A 255 4.74 -6.11 -4.24
CA GLU A 255 5.67 -5.12 -4.75
C GLU A 255 6.29 -5.52 -6.10
N PHE A 256 6.81 -6.71 -6.17
CA PHE A 256 7.46 -7.21 -7.33
C PHE A 256 6.54 -7.50 -8.53
N GLN A 257 5.33 -8.02 -8.28
CA GLN A 257 4.43 -8.38 -9.34
C GLN A 257 3.51 -7.26 -9.79
N ASN A 258 3.15 -6.35 -8.85
CA ASN A 258 2.13 -5.33 -9.06
C ASN A 258 2.70 -3.92 -8.96
N HIS A 259 3.29 -3.52 -7.83
CA HIS A 259 3.79 -2.15 -7.73
C HIS A 259 4.88 -1.85 -8.79
N TRP A 260 5.64 -2.85 -9.18
CA TRP A 260 6.71 -2.68 -10.18
C TRP A 260 6.23 -1.97 -11.42
N TRP A 261 4.99 -2.22 -11.83
CA TRP A 261 4.37 -1.58 -12.97
C TRP A 261 3.52 -0.40 -12.62
N MET A 262 2.64 -0.61 -11.65
CA MET A 262 1.63 0.44 -11.31
C MET A 262 2.22 1.72 -10.71
N ASP A 263 3.30 1.59 -9.93
CA ASP A 263 3.99 2.80 -9.38
C ASP A 263 4.61 3.56 -10.51
N VAL A 264 5.10 2.87 -11.55
CA VAL A 264 5.67 3.59 -12.66
C VAL A 264 4.57 4.34 -13.39
N TYR A 265 3.45 3.65 -13.61
CA TYR A 265 2.35 4.23 -14.35
C TYR A 265 1.77 5.46 -13.59
N ALA A 266 1.59 5.30 -12.29
CA ALA A 266 1.00 6.35 -11.46
C ALA A 266 2.01 7.41 -11.04
N TRP A 267 3.21 6.99 -10.61
CA TRP A 267 4.15 7.95 -9.97
C TRP A 267 5.44 8.22 -10.70
N GLY A 268 5.73 7.42 -11.73
CA GLY A 268 6.95 7.62 -12.48
C GLY A 268 8.15 6.98 -11.79
N MET A 269 7.93 6.02 -10.88
CA MET A 269 9.04 5.52 -10.04
C MET A 269 8.96 4.03 -9.76
N TYR A 270 10.08 3.32 -9.86
CA TYR A 270 10.08 1.92 -9.40
C TYR A 270 10.15 1.87 -7.88
N PRO A 271 9.55 0.85 -7.25
CA PRO A 271 9.71 0.76 -5.81
C PRO A 271 11.10 0.24 -5.42
N GLN A 272 11.57 0.73 -4.27
CA GLN A 272 12.97 0.65 -3.91
C GLN A 272 13.38 -0.75 -3.57
N ALA A 273 12.65 -1.47 -2.75
CA ALA A 273 13.13 -2.81 -2.38
C ALA A 273 13.25 -3.74 -3.58
N ALA A 274 12.30 -3.69 -4.52
CA ALA A 274 12.41 -4.53 -5.73
C ALA A 274 13.58 -4.07 -6.59
N TRP A 275 13.77 -2.79 -6.69
CA TRP A 275 14.91 -2.28 -7.43
C TRP A 275 16.24 -2.79 -6.85
N ASN A 276 16.40 -2.74 -5.52
CA ASN A 276 17.62 -3.19 -4.86
C ASN A 276 17.81 -4.68 -4.99
N TYR A 277 16.75 -5.49 -4.87
CA TYR A 277 16.88 -6.90 -5.21
C TYR A 277 17.38 -7.15 -6.68
N LEU A 278 16.89 -6.38 -7.65
CA LEU A 278 17.30 -6.60 -9.02
C LEU A 278 18.76 -6.20 -9.19
N GLU A 279 19.13 -5.15 -8.49
CA GLU A 279 20.45 -4.54 -8.64
C GLU A 279 21.49 -5.46 -8.09
N SER A 280 21.12 -6.11 -6.98
CA SER A 280 21.93 -7.15 -6.36
C SER A 280 22.14 -8.34 -7.27
N GLN A 281 21.36 -8.46 -8.34
CA GLN A 281 21.51 -9.60 -9.22
C GLN A 281 21.98 -9.17 -10.57
N GLY A 282 22.42 -7.94 -10.70
CA GLY A 282 22.77 -7.37 -12.00
C GLY A 282 21.60 -7.24 -12.97
N LEU A 283 20.34 -7.23 -12.48
CA LEU A 283 19.13 -7.22 -13.34
C LEU A 283 18.42 -5.88 -13.55
N GLU A 284 18.78 -4.85 -12.81
CA GLU A 284 18.12 -3.57 -12.96
C GLU A 284 18.39 -2.98 -14.36
N PRO A 285 17.36 -2.32 -14.97
CA PRO A 285 17.50 -1.73 -16.29
C PRO A 285 18.47 -0.61 -16.35
N THR A 286 18.98 -0.40 -17.54
CA THR A 286 19.77 0.80 -17.85
C THR A 286 18.92 2.05 -17.98
N VAL A 287 19.29 3.06 -17.21
CA VAL A 287 18.57 4.31 -17.07
C VAL A 287 19.40 5.40 -17.74
N ALA A 288 18.80 6.10 -18.68
CA ALA A 288 19.42 7.24 -19.34
C ALA A 288 19.01 8.56 -18.68
N PRO A 289 19.86 9.58 -18.80
CA PRO A 289 19.50 10.94 -18.46
C PRO A 289 18.17 11.31 -19.14
N GLY A 290 17.24 11.82 -18.37
CA GLY A 290 15.96 12.28 -18.88
C GLY A 290 14.84 11.24 -18.71
N ASP A 291 15.19 9.99 -18.39
CA ASP A 291 14.21 8.93 -18.22
C ASP A 291 13.24 9.22 -17.10
N TRP A 292 13.78 9.58 -15.93
CA TRP A 292 12.88 9.75 -14.79
C TRP A 292 11.94 10.92 -14.98
N GLU A 293 12.45 11.95 -15.64
CA GLU A 293 11.70 13.17 -15.92
C GLU A 293 10.52 12.87 -16.90
N LEU A 294 10.76 12.14 -18.00
CA LEU A 294 9.72 11.66 -18.86
C LEU A 294 8.73 10.81 -18.05
N LEU A 295 9.17 9.82 -17.30
CA LEU A 295 8.25 8.90 -16.63
C LEU A 295 7.34 9.57 -15.58
N GLN A 296 7.87 10.61 -14.93
CA GLN A 296 7.15 11.33 -13.88
C GLN A 296 6.17 12.38 -14.42
N ALA A 297 6.40 12.84 -15.64
CA ALA A 297 5.54 13.82 -16.26
C ALA A 297 4.51 13.21 -17.23
N ALA A 298 3.95 12.06 -16.92
CA ALA A 298 2.97 11.51 -17.83
C ALA A 298 1.92 10.81 -17.02
N LYS A 299 1.17 11.59 -16.29
CA LYS A 299 0.17 11.07 -15.40
C LYS A 299 -1.02 10.59 -16.27
N PRO A 300 -1.53 9.39 -16.02
CA PRO A 300 -2.67 8.91 -16.78
C PRO A 300 -4.00 9.45 -16.18
N ASP A 301 -5.10 9.44 -16.91
CA ASP A 301 -6.42 9.86 -16.37
C ASP A 301 -7.05 8.74 -15.55
N PHE A 302 -6.65 7.50 -15.82
CA PHE A 302 -7.21 6.34 -15.13
C PHE A 302 -6.18 5.23 -15.19
N MET A 303 -6.31 4.25 -14.29
CA MET A 303 -5.59 2.98 -14.37
C MET A 303 -6.55 1.97 -14.99
N GLY A 304 -6.15 1.40 -16.13
CA GLY A 304 -6.91 0.30 -16.69
C GLY A 304 -6.55 -0.95 -15.94
N VAL A 305 -7.53 -1.81 -15.73
CA VAL A 305 -7.31 -3.01 -14.98
C VAL A 305 -7.92 -4.18 -15.70
N ASN A 306 -7.10 -5.21 -15.91
CA ASN A 306 -7.57 -6.50 -16.43
C ASN A 306 -7.52 -7.45 -15.26
N TYR A 307 -8.68 -7.93 -14.81
CA TYR A 307 -8.78 -8.77 -13.64
C TYR A 307 -9.49 -10.06 -13.95
N TYR A 308 -8.85 -11.13 -13.52
CA TYR A 308 -9.42 -12.44 -13.63
C TYR A 308 -9.40 -13.18 -12.31
N GLN A 309 -8.32 -13.01 -11.57
CA GLN A 309 -8.09 -13.71 -10.31
C GLN A 309 -7.09 -13.07 -9.34
N THR A 310 -7.14 -13.47 -8.08
CA THR A 310 -6.10 -13.14 -7.13
C THR A 310 -5.10 -14.28 -7.05
N THR A 311 -4.00 -14.03 -6.36
CA THR A 311 -2.97 -15.04 -6.13
C THR A 311 -2.56 -15.09 -4.66
N THR A 312 -2.42 -16.30 -4.15
CA THR A 312 -2.09 -16.45 -2.75
C THR A 312 -0.62 -16.91 -2.68
N VAL A 313 0.16 -16.36 -1.73
CA VAL A 313 1.59 -16.64 -1.60
C VAL A 313 2.06 -17.03 -0.19
N GLU A 314 3.20 -17.71 -0.16
CA GLU A 314 3.79 -18.09 1.10
C GLU A 314 5.30 -17.95 0.99
N HIS A 315 5.98 -18.20 2.11
CA HIS A 315 7.46 -18.08 2.23
C HIS A 315 8.12 -18.98 1.19
N ASN A 316 9.23 -18.56 0.63
CA ASN A 316 9.91 -19.38 -0.33
C ASN A 316 11.37 -19.16 -0.06
N PRO A 317 12.06 -20.18 0.49
CA PRO A 317 13.48 -20.13 0.84
C PRO A 317 14.32 -19.95 -0.41
N PRO A 318 15.61 -19.57 -0.27
CA PRO A 318 16.40 -19.23 -1.47
C PRO A 318 16.78 -20.40 -2.40
N ASP A 319 16.68 -21.62 -1.93
CA ASP A 319 16.88 -22.79 -2.78
C ASP A 319 15.55 -23.26 -3.40
N GLY A 320 14.49 -22.46 -3.18
CA GLY A 320 13.12 -22.92 -3.40
C GLY A 320 12.60 -22.77 -4.82
N VAL A 321 11.28 -22.73 -4.92
CA VAL A 321 10.56 -22.82 -6.19
C VAL A 321 10.87 -21.67 -7.15
N GLY A 322 10.91 -21.96 -8.45
CA GLY A 322 11.10 -20.98 -9.53
C GLY A 322 9.94 -21.00 -10.51
N GLU A 323 10.12 -21.50 -11.71
CA GLU A 323 8.98 -21.52 -12.67
C GLU A 323 8.13 -22.72 -12.28
N GLY A 324 6.83 -22.63 -12.51
CA GLY A 324 6.00 -23.79 -12.23
C GLY A 324 5.34 -24.26 -13.51
N VAL A 325 4.59 -25.34 -13.43
CA VAL A 325 3.79 -25.77 -14.56
C VAL A 325 2.52 -24.91 -14.72
N MET A 326 2.33 -24.38 -15.91
CA MET A 326 1.09 -23.70 -16.27
CA MET A 326 1.09 -23.71 -16.26
C MET A 326 0.09 -24.76 -16.76
N ASN A 327 -1.16 -24.38 -16.90
CA ASN A 327 -2.21 -25.29 -17.34
C ASN A 327 -2.75 -24.69 -18.62
N THR A 328 -2.40 -25.28 -19.77
CA THR A 328 -2.99 -24.88 -21.06
C THR A 328 -4.00 -25.95 -21.59
N THR A 329 -4.23 -27.00 -20.81
CA THR A 329 -5.12 -28.11 -21.22
C THR A 329 -6.56 -27.83 -20.80
N GLY A 330 -6.80 -27.80 -19.48
CA GLY A 330 -8.14 -27.75 -18.96
C GLY A 330 -8.42 -28.88 -18.01
N LYS A 331 -7.40 -29.71 -17.73
CA LYS A 331 -7.48 -30.72 -16.68
C LYS A 331 -7.21 -29.98 -15.42
N LYS A 332 -8.13 -30.10 -14.48
CA LYS A 332 -8.02 -29.39 -13.27
C LYS A 332 -7.00 -30.00 -12.36
N GLY A 333 -6.34 -29.16 -11.58
CA GLY A 333 -5.37 -29.62 -10.62
C GLY A 333 -3.95 -29.80 -11.18
N THR A 334 -3.74 -29.51 -12.47
CA THR A 334 -2.39 -29.69 -13.12
C THR A 334 -1.34 -28.56 -12.90
N SER A 335 -1.78 -27.34 -12.59
CA SER A 335 -0.86 -26.23 -12.29
C SER A 335 0.00 -26.50 -11.08
N THR A 336 1.24 -26.02 -11.01
CA THR A 336 2.01 -26.08 -9.76
C THR A 336 2.58 -24.71 -9.38
N SER A 337 3.09 -24.64 -8.17
CA SER A 337 3.69 -23.45 -7.62
C SER A 337 4.78 -22.72 -8.48
N SER A 338 4.76 -21.39 -8.44
CA SER A 338 5.75 -20.55 -9.07
C SER A 338 6.24 -19.58 -8.07
N GLY A 339 7.45 -19.09 -8.27
CA GLY A 339 7.90 -18.01 -7.45
C GLY A 339 9.24 -17.49 -7.78
N ILE A 340 9.73 -16.71 -6.83
CA ILE A 340 11.08 -16.21 -6.88
C ILE A 340 11.75 -16.61 -5.60
N PRO A 341 12.84 -17.40 -5.74
CA PRO A 341 13.49 -18.01 -4.59
C PRO A 341 13.94 -16.95 -3.62
N GLY A 342 13.58 -17.14 -2.35
CA GLY A 342 13.90 -16.17 -1.35
C GLY A 342 12.84 -15.10 -1.17
N LEU A 343 11.85 -14.97 -2.05
CA LEU A 343 10.91 -13.87 -1.87
C LEU A 343 9.50 -14.37 -1.61
N PHE A 344 8.97 -15.19 -2.51
CA PHE A 344 7.62 -15.73 -2.33
C PHE A 344 7.46 -16.87 -3.32
N LYS A 345 6.43 -17.67 -3.11
CA LYS A 345 5.92 -18.57 -4.15
C LYS A 345 4.41 -18.65 -3.99
N THR A 346 3.72 -18.98 -5.06
CA THR A 346 2.26 -19.10 -5.00
C THR A 346 1.83 -20.36 -4.32
N VAL A 347 0.60 -20.39 -3.86
CA VAL A 347 0.00 -21.59 -3.28
C VAL A 347 -1.52 -21.55 -3.49
N ARG A 348 -2.13 -22.72 -3.55
CA ARG A 348 -3.56 -22.80 -3.82
C ARG A 348 -4.29 -22.11 -2.69
N ASN A 349 -5.21 -21.23 -3.01
CA ASN A 349 -5.99 -20.57 -1.99
C ASN A 349 -7.12 -21.51 -1.61
N PRO A 350 -7.12 -22.04 -0.38
CA PRO A 350 -8.12 -23.05 -0.04
C PRO A 350 -9.52 -22.49 0.07
N HIS A 351 -9.66 -21.18 0.14
CA HIS A 351 -10.97 -20.59 0.40
C HIS A 351 -11.69 -20.11 -0.86
N VAL A 352 -11.26 -20.52 -2.07
CA VAL A 352 -11.94 -20.13 -3.29
C VAL A 352 -11.98 -21.31 -4.24
N ASP A 353 -12.97 -21.35 -5.11
CA ASP A 353 -12.98 -22.31 -6.21
C ASP A 353 -12.00 -21.88 -7.28
N THR A 354 -11.74 -22.76 -8.24
CA THR A 354 -10.95 -22.43 -9.39
C THR A 354 -11.67 -22.94 -10.61
N THR A 355 -11.35 -22.37 -11.75
CA THR A 355 -11.85 -22.89 -13.00
C THR A 355 -11.09 -24.16 -13.31
N ASN A 356 -11.46 -24.80 -14.42
CA ASN A 356 -10.71 -25.97 -14.86
C ASN A 356 -9.28 -25.68 -15.27
N TRP A 357 -8.99 -24.42 -15.67
CA TRP A 357 -7.63 -24.03 -16.01
C TRP A 357 -6.89 -23.55 -14.79
N ASP A 358 -7.45 -23.84 -13.61
CA ASP A 358 -6.85 -23.50 -12.33
C ASP A 358 -6.83 -21.97 -11.98
N TRP A 359 -7.52 -21.13 -12.75
CA TRP A 359 -7.68 -19.72 -12.35
C TRP A 359 -8.67 -19.60 -11.21
N ALA A 360 -8.29 -18.91 -10.14
CA ALA A 360 -9.20 -18.72 -9.02
C ALA A 360 -10.42 -17.88 -9.37
N ILE A 361 -11.56 -18.20 -8.71
CA ILE A 361 -12.80 -17.42 -8.86
C ILE A 361 -12.95 -16.62 -7.59
N ASP A 362 -12.72 -15.30 -7.69
CA ASP A 362 -12.53 -14.46 -6.53
C ASP A 362 -13.04 -13.10 -6.85
N PRO A 363 -14.37 -13.04 -6.94
CA PRO A 363 -15.04 -11.75 -7.10
C PRO A 363 -14.71 -10.68 -6.00
N VAL A 364 -14.62 -11.11 -4.75
CA VAL A 364 -14.29 -10.13 -3.72
C VAL A 364 -12.87 -9.57 -3.97
N GLY A 365 -11.99 -10.38 -4.57
CA GLY A 365 -10.63 -9.91 -4.95
C GLY A 365 -10.63 -8.70 -5.87
N LEU A 366 -11.68 -8.60 -6.69
CA LEU A 366 -11.80 -7.46 -7.60
C LEU A 366 -12.07 -6.24 -6.77
N ARG A 367 -12.92 -6.40 -5.76
CA ARG A 367 -13.15 -5.30 -4.81
C ARG A 367 -11.90 -4.86 -4.08
N ILE A 368 -11.10 -5.85 -3.71
CA ILE A 368 -9.84 -5.65 -3.02
C ILE A 368 -8.85 -4.96 -3.92
N GLY A 369 -8.75 -5.38 -5.17
CA GLY A 369 -7.80 -4.77 -6.06
C GLY A 369 -8.24 -3.37 -6.38
N LEU A 370 -9.52 -3.16 -6.60
CA LEU A 370 -9.96 -1.80 -6.89
C LEU A 370 -9.72 -0.89 -5.68
N ARG A 371 -9.97 -1.40 -4.49
CA ARG A 371 -9.71 -0.62 -3.26
C ARG A 371 -8.22 -0.33 -3.10
N ARG A 372 -7.32 -1.27 -3.44
CA ARG A 372 -5.85 -1.01 -3.36
C ARG A 372 -5.39 0.08 -4.30
N ILE A 373 -5.92 0.08 -5.51
CA ILE A 373 -5.48 1.05 -6.49
C ILE A 373 -5.95 2.42 -6.06
N ALA A 374 -7.19 2.53 -5.60
CA ALA A 374 -7.64 3.87 -5.14
C ALA A 374 -6.87 4.40 -3.91
N ASN A 375 -6.61 3.50 -3.01
CA ASN A 375 -5.98 3.78 -1.74
C ASN A 375 -4.53 4.18 -1.99
N ARG A 376 -3.87 3.46 -2.90
CA ARG A 376 -2.46 3.73 -3.17
C ARG A 376 -2.28 4.90 -4.14
N TYR A 377 -3.10 5.03 -5.20
CA TYR A 377 -2.84 6.04 -6.25
C TYR A 377 -3.90 7.14 -6.37
N GLN A 378 -5.04 6.95 -5.72
CA GLN A 378 -6.20 7.84 -5.90
C GLN A 378 -6.60 8.05 -7.38
N LEU A 379 -6.64 6.99 -8.17
CA LEU A 379 -6.92 7.16 -9.59
C LEU A 379 -8.24 6.54 -9.89
N PRO A 380 -8.95 7.08 -10.85
CA PRO A 380 -10.09 6.38 -11.37
C PRO A 380 -9.60 5.11 -12.07
N ILE A 381 -10.49 4.13 -12.21
CA ILE A 381 -10.19 2.86 -12.77
C ILE A 381 -11.18 2.56 -13.87
N LEU A 382 -10.67 2.14 -15.02
CA LEU A 382 -11.50 1.53 -16.07
C LEU A 382 -11.22 0.04 -16.06
N ILE A 383 -12.21 -0.77 -15.80
CA ILE A 383 -11.99 -2.20 -15.89
C ILE A 383 -12.08 -2.61 -17.34
N THR A 384 -10.94 -2.96 -17.90
CA THR A 384 -10.80 -3.14 -19.34
C THR A 384 -11.02 -4.59 -19.79
N GLU A 385 -10.96 -5.53 -18.87
CA GLU A 385 -11.23 -6.93 -19.11
C GLU A 385 -11.61 -7.60 -17.81
N ASN A 386 -12.59 -8.48 -17.89
CA ASN A 386 -12.94 -9.41 -16.86
C ASN A 386 -13.90 -10.40 -17.49
N GLY A 387 -13.68 -11.66 -17.25
CA GLY A 387 -14.56 -12.66 -17.85
C GLY A 387 -14.12 -13.98 -17.42
N LEU A 388 -14.85 -14.98 -17.93
CA LEU A 388 -14.66 -16.35 -17.56
C LEU A 388 -14.56 -17.22 -18.81
N GLY A 389 -13.52 -18.05 -18.88
CA GLY A 389 -13.31 -18.90 -20.05
C GLY A 389 -13.61 -20.33 -19.71
N GLU A 390 -14.49 -20.96 -20.50
CA GLU A 390 -14.91 -22.32 -20.25
C GLU A 390 -15.30 -22.96 -21.56
N PHE A 391 -15.38 -24.27 -21.61
CA PHE A 391 -16.01 -24.99 -22.74
C PHE A 391 -17.45 -24.65 -22.79
N ASP A 392 -17.98 -24.29 -23.97
CA ASP A 392 -19.40 -24.08 -24.11
C ASP A 392 -19.89 -25.22 -25.00
N THR A 393 -21.09 -25.72 -24.74
CA THR A 393 -21.74 -26.70 -25.61
C THR A 393 -22.80 -26.03 -26.48
N LEU A 394 -22.72 -26.25 -27.78
CA LEU A 394 -23.79 -25.71 -28.65
C LEU A 394 -24.88 -26.80 -28.75
N GLU A 395 -26.06 -26.48 -28.29
CA GLU A 395 -27.13 -27.45 -28.22
C GLU A 395 -28.07 -27.30 -29.41
N PRO A 396 -28.75 -28.40 -29.81
CA PRO A 396 -29.53 -28.20 -31.04
C PRO A 396 -30.59 -27.09 -30.89
N GLY A 397 -30.80 -26.39 -32.01
CA GLY A 397 -31.57 -25.14 -32.06
C GLY A 397 -30.72 -23.90 -31.80
N ASP A 398 -29.40 -23.95 -32.04
CA ASP A 398 -28.51 -22.77 -31.82
C ASP A 398 -28.76 -22.13 -30.37
N ILE A 399 -28.62 -22.99 -29.35
CA ILE A 399 -28.75 -22.65 -27.93
C ILE A 399 -27.46 -22.95 -27.10
N VAL A 400 -27.02 -21.97 -26.28
CA VAL A 400 -25.86 -22.08 -25.44
C VAL A 400 -26.21 -21.61 -24.05
N ASN A 401 -26.29 -22.53 -23.10
CA ASN A 401 -26.63 -22.18 -21.73
C ASN A 401 -25.35 -22.06 -20.95
N ASP A 402 -24.88 -20.84 -20.80
CA ASP A 402 -23.65 -20.61 -20.10
C ASP A 402 -23.93 -19.99 -18.74
N ASP A 403 -24.68 -20.72 -17.88
CA ASP A 403 -24.97 -20.23 -16.52
C ASP A 403 -23.74 -19.96 -15.67
N TYR A 404 -22.74 -20.81 -15.83
CA TYR A 404 -21.41 -20.67 -15.24
C TYR A 404 -20.79 -19.31 -15.55
N ARG A 405 -20.95 -18.79 -16.77
CA ARG A 405 -20.44 -17.46 -17.10
C ARG A 405 -21.26 -16.35 -16.50
N ILE A 406 -22.57 -16.50 -16.55
CA ILE A 406 -23.42 -15.50 -15.93
C ILE A 406 -23.05 -15.40 -14.44
N ASP A 407 -22.90 -16.55 -13.82
CA ASP A 407 -22.70 -16.60 -12.37
C ASP A 407 -21.39 -15.81 -12.02
N TYR A 408 -20.30 -16.08 -12.75
CA TYR A 408 -19.05 -15.32 -12.57
C TYR A 408 -19.26 -13.83 -12.91
N LEU A 409 -19.83 -13.48 -14.06
CA LEU A 409 -19.97 -12.06 -14.30
C LEU A 409 -20.80 -11.33 -13.21
N ARG A 410 -21.92 -11.95 -12.82
CA ARG A 410 -22.85 -11.38 -11.84
C ARG A 410 -22.09 -11.03 -10.57
N ARG A 411 -21.38 -11.99 -10.05
CA ARG A 411 -20.69 -11.74 -8.78
C ARG A 411 -19.60 -10.70 -8.87
N HIS A 412 -18.94 -10.59 -10.03
CA HIS A 412 -17.88 -9.56 -10.19
C HIS A 412 -18.50 -8.22 -10.30
N VAL A 413 -19.61 -8.12 -11.02
CA VAL A 413 -20.25 -6.84 -11.19
C VAL A 413 -20.86 -6.36 -9.85
N GLN A 414 -21.32 -7.29 -9.04
CA GLN A 414 -21.80 -6.95 -7.66
C GLN A 414 -20.68 -6.37 -6.81
N GLU A 415 -19.53 -7.00 -6.81
CA GLU A 415 -18.41 -6.48 -6.04
C GLU A 415 -17.96 -5.14 -6.58
N ILE A 416 -18.10 -4.92 -7.87
CA ILE A 416 -17.74 -3.59 -8.39
C ILE A 416 -18.64 -2.55 -7.75
N GLN A 417 -19.94 -2.84 -7.65
CA GLN A 417 -20.87 -1.91 -6.98
C GLN A 417 -20.47 -1.63 -5.49
N ARG A 418 -20.11 -2.66 -4.77
CA ARG A 418 -19.51 -2.49 -3.46
C ARG A 418 -18.29 -1.56 -3.40
N ALA A 419 -17.44 -1.56 -4.45
CA ALA A 419 -16.25 -0.75 -4.50
C ALA A 419 -16.65 0.63 -4.77
N ILE A 420 -17.60 0.80 -5.68
CA ILE A 420 -18.11 2.15 -5.95
C ILE A 420 -18.68 2.79 -4.65
N THR A 421 -19.47 2.03 -3.93
CA THR A 421 -20.07 2.47 -2.65
C THR A 421 -18.96 2.85 -1.64
N ASP A 422 -17.84 2.13 -1.65
CA ASP A 422 -16.68 2.39 -0.78
C ASP A 422 -16.00 3.62 -1.21
N GLY A 423 -16.25 4.10 -2.42
CA GLY A 423 -15.66 5.37 -2.87
C GLY A 423 -14.70 5.27 -4.05
N VAL A 424 -14.50 4.07 -4.58
CA VAL A 424 -13.60 3.87 -5.76
C VAL A 424 -14.33 4.45 -6.98
N ASP A 425 -13.63 5.28 -7.75
CA ASP A 425 -14.19 5.89 -8.93
C ASP A 425 -14.02 4.94 -10.16
N VAL A 426 -15.04 4.11 -10.43
CA VAL A 426 -14.96 3.18 -11.55
C VAL A 426 -15.69 3.66 -12.77
N LEU A 427 -15.00 3.82 -13.89
CA LEU A 427 -15.56 4.53 -15.07
C LEU A 427 -16.37 3.65 -16.00
N GLY A 428 -16.17 2.34 -15.88
CA GLY A 428 -16.77 1.37 -16.75
C GLY A 428 -16.21 -0.03 -16.55
N TYR A 429 -16.79 -0.94 -17.28
CA TYR A 429 -16.55 -2.34 -17.12
C TYR A 429 -16.65 -2.98 -18.50
N CYS A 430 -15.59 -3.62 -18.95
CA CYS A 430 -15.57 -4.28 -20.24
C CYS A 430 -15.42 -5.74 -20.03
N ALA A 431 -16.48 -6.49 -20.24
CA ALA A 431 -16.38 -7.92 -20.16
C ALA A 431 -15.53 -8.46 -21.30
N TRP A 432 -14.80 -9.52 -20.97
CA TRP A 432 -13.94 -10.21 -21.89
C TRP A 432 -14.67 -11.53 -22.11
N SER A 433 -15.19 -11.79 -23.32
CA SER A 433 -15.09 -10.98 -24.52
C SER A 433 -16.47 -10.81 -25.17
N PHE A 434 -16.56 -9.97 -26.19
CA PHE A 434 -17.84 -9.87 -26.90
C PHE A 434 -18.22 -11.15 -27.64
N THR A 435 -17.43 -11.53 -28.66
CA THR A 435 -17.55 -12.83 -29.33
C THR A 435 -16.47 -13.73 -28.85
N ASP A 436 -16.62 -15.01 -29.06
CA ASP A 436 -15.62 -15.95 -28.75
C ASP A 436 -14.45 -15.59 -29.65
N LEU A 437 -13.26 -15.83 -29.20
CA LEU A 437 -12.09 -15.52 -29.98
C LEU A 437 -10.97 -16.50 -29.79
N LEU A 438 -9.89 -16.29 -30.51
CA LEU A 438 -8.77 -17.14 -30.41
C LEU A 438 -7.93 -16.84 -29.22
N SER A 439 -7.65 -17.87 -28.43
CA SER A 439 -6.65 -17.80 -27.31
C SER A 439 -5.26 -17.83 -27.86
N TRP A 440 -4.39 -17.03 -27.29
CA TRP A 440 -3.02 -16.89 -27.83
C TRP A 440 -2.35 -18.27 -27.96
N LEU A 441 -2.44 -19.04 -26.88
CA LEU A 441 -1.85 -20.38 -26.86
C LEU A 441 -2.89 -21.57 -26.88
N ASN A 442 -4.02 -21.38 -26.19
CA ASN A 442 -5.03 -22.41 -25.84
C ASN A 442 -6.05 -22.73 -27.00
N GLY A 443 -5.90 -22.16 -28.21
CA GLY A 443 -6.86 -22.39 -29.28
C GLY A 443 -8.22 -21.82 -29.01
N TYR A 444 -9.26 -22.55 -29.38
CA TYR A 444 -10.57 -21.93 -29.49
C TYR A 444 -11.54 -22.40 -28.46
N GLN A 445 -11.29 -23.53 -27.79
CA GLN A 445 -12.35 -24.22 -26.97
C GLN A 445 -12.57 -23.62 -25.59
N LYS A 446 -11.57 -22.89 -25.11
CA LYS A 446 -11.70 -22.03 -23.97
C LYS A 446 -12.33 -20.76 -24.39
N ARG A 447 -13.66 -20.74 -24.30
CA ARG A 447 -14.41 -19.63 -24.79
C ARG A 447 -14.72 -18.60 -23.73
N TYR A 448 -14.79 -17.33 -24.12
CA TYR A 448 -15.13 -16.23 -23.29
C TYR A 448 -16.33 -15.38 -23.76
N GLY A 449 -16.85 -15.58 -24.97
CA GLY A 449 -17.76 -14.59 -25.49
C GLY A 449 -19.16 -14.54 -24.89
N PHE A 450 -19.85 -13.42 -25.07
CA PHE A 450 -21.31 -13.39 -25.02
C PHE A 450 -21.93 -14.03 -26.26
N VAL A 451 -21.19 -13.98 -27.34
CA VAL A 451 -21.65 -14.47 -28.60
C VAL A 451 -20.75 -15.57 -29.00
N TYR A 452 -21.32 -16.77 -29.13
CA TYR A 452 -20.61 -18.01 -29.46
C TYR A 452 -20.31 -17.87 -30.96
N VAL A 453 -19.15 -18.30 -31.36
CA VAL A 453 -18.74 -18.34 -32.76
C VAL A 453 -18.49 -19.77 -33.13
N ASN A 454 -19.20 -20.22 -34.16
CA ASN A 454 -19.24 -21.61 -34.58
C ASN A 454 -17.99 -21.93 -35.41
N ARG A 455 -17.00 -22.43 -34.69
CA ARG A 455 -15.76 -22.95 -35.25
C ARG A 455 -15.04 -23.72 -34.11
N ASP A 456 -14.05 -24.53 -34.43
CA ASP A 456 -13.21 -25.06 -33.38
C ASP A 456 -11.77 -25.00 -33.79
N ASP A 457 -10.93 -25.78 -33.13
CA ASP A 457 -9.50 -25.81 -33.42
C ASP A 457 -9.19 -26.46 -34.79
N GLU A 458 -10.12 -27.20 -35.39
CA GLU A 458 -9.82 -27.87 -36.63
C GLU A 458 -10.50 -27.30 -37.83
N SER A 459 -11.62 -26.59 -37.68
CA SER A 459 -12.38 -26.14 -38.84
C SER A 459 -12.99 -24.80 -38.46
N GLU A 460 -12.97 -23.90 -39.44
CA GLU A 460 -13.63 -22.63 -39.38
C GLU A 460 -15.14 -22.74 -39.44
N LYS A 461 -15.64 -23.88 -39.96
CA LYS A 461 -17.09 -24.06 -40.23
C LYS A 461 -17.65 -22.89 -40.96
N ASP A 462 -18.74 -22.30 -40.50
CA ASP A 462 -19.32 -21.11 -41.18
C ASP A 462 -19.08 -19.85 -40.35
N LEU A 463 -18.34 -20.00 -39.26
CA LEU A 463 -18.15 -18.90 -38.29
C LEU A 463 -19.43 -18.19 -37.83
N ARG A 464 -20.55 -18.88 -37.76
CA ARG A 464 -21.77 -18.16 -37.40
C ARG A 464 -21.81 -17.71 -35.96
N ARG A 465 -22.43 -16.55 -35.76
CA ARG A 465 -22.59 -15.92 -34.47
C ARG A 465 -23.89 -16.42 -33.77
N ILE A 466 -23.79 -16.85 -32.53
CA ILE A 466 -24.92 -17.43 -31.79
C ILE A 466 -24.91 -16.84 -30.42
N LYS A 467 -25.92 -16.06 -30.11
CA LYS A 467 -26.09 -15.45 -28.81
C LYS A 467 -26.23 -16.45 -27.71
N LYS A 468 -25.35 -16.39 -26.72
CA LYS A 468 -25.43 -17.26 -25.56
C LYS A 468 -26.44 -16.69 -24.57
N LYS A 469 -26.80 -17.49 -23.62
CA LYS A 469 -27.64 -17.02 -22.54
C LYS A 469 -27.06 -15.78 -21.82
N SER A 470 -25.73 -15.72 -21.63
CA SER A 470 -25.10 -14.54 -20.95
C SER A 470 -25.32 -13.27 -21.72
N PHE A 471 -25.54 -13.40 -23.04
CA PHE A 471 -25.80 -12.22 -23.83
C PHE A 471 -27.04 -11.52 -23.31
N TYR A 472 -28.11 -12.31 -23.11
CA TYR A 472 -29.38 -11.75 -22.72
C TYR A 472 -29.31 -11.33 -21.27
N TRP A 473 -28.50 -12.01 -20.50
CA TRP A 473 -28.27 -11.53 -19.12
C TRP A 473 -27.62 -10.15 -19.11
N TYR A 474 -26.57 -9.96 -19.91
CA TYR A 474 -25.89 -8.68 -19.83
C TYR A 474 -26.70 -7.59 -20.42
N GLN A 475 -27.42 -7.90 -21.47
CA GLN A 475 -28.39 -6.96 -22.04
C GLN A 475 -29.37 -6.37 -20.95
N ARG A 476 -29.87 -7.22 -20.06
CA ARG A 476 -30.71 -6.78 -18.92
C ARG A 476 -29.91 -5.99 -17.92
N VAL A 477 -28.67 -6.41 -17.63
CA VAL A 477 -27.82 -5.59 -16.74
C VAL A 477 -27.73 -4.18 -17.30
N ILE A 478 -27.49 -4.05 -18.59
CA ILE A 478 -27.32 -2.72 -19.15
C ILE A 478 -28.58 -1.85 -19.20
N GLU A 479 -29.68 -2.47 -19.58
CA GLU A 479 -30.96 -1.80 -19.66
C GLU A 479 -31.32 -1.23 -18.30
N THR A 480 -31.03 -1.97 -17.22
CA THR A 480 -31.35 -1.45 -15.87
C THR A 480 -30.19 -0.70 -15.20
N ASN A 481 -29.17 -0.30 -15.97
CA ASN A 481 -27.94 0.26 -15.43
C ASN A 481 -27.34 -0.47 -14.21
N GLY A 482 -27.45 -1.79 -14.16
CA GLY A 482 -26.88 -2.55 -13.05
C GLY A 482 -27.79 -2.90 -11.88
N ALA A 483 -29.03 -2.37 -11.85
CA ALA A 483 -29.91 -2.60 -10.70
C ALA A 483 -30.40 -4.05 -10.67
N GLU A 484 -30.52 -4.66 -11.85
CA GLU A 484 -30.93 -6.02 -11.93
C GLU A 484 -29.79 -6.93 -12.40
N LEU A 485 -29.25 -7.72 -11.48
CA LEU A 485 -28.21 -8.70 -11.76
C LEU A 485 -28.70 -10.11 -11.43
N HIS B 12 23.40 -12.27 2.76
CA HIS B 12 24.50 -11.38 3.26
C HIS B 12 23.89 -10.05 3.68
N LEU B 13 24.04 -9.65 4.94
CA LEU B 13 23.40 -8.45 5.49
C LEU B 13 24.24 -7.25 5.22
N LYS B 14 23.63 -6.13 4.91
CA LYS B 14 24.35 -4.87 4.99
C LYS B 14 24.62 -4.56 6.49
N PRO B 15 25.68 -3.78 6.75
CA PRO B 15 25.84 -3.32 8.11
C PRO B 15 24.99 -2.10 8.32
N PHE B 16 24.81 -1.77 9.61
CA PHE B 16 24.22 -0.54 10.04
C PHE B 16 25.10 0.56 9.56
N PRO B 17 24.52 1.64 9.03
CA PRO B 17 25.32 2.73 8.56
C PRO B 17 26.28 3.24 9.67
N PRO B 18 27.36 3.99 9.31
CA PRO B 18 28.33 4.47 10.31
C PRO B 18 27.83 5.47 11.41
N GLU B 19 26.85 6.34 11.12
CA GLU B 19 26.26 7.22 12.20
C GLU B 19 24.79 6.90 12.53
N PHE B 20 24.51 5.60 12.51
CA PHE B 20 23.25 5.08 12.98
C PHE B 20 23.07 5.50 14.44
N LEU B 21 21.95 6.18 14.70
CA LEU B 21 21.58 6.75 16.01
C LEU B 21 21.06 5.66 16.89
N TRP B 22 22.00 4.99 17.56
CA TRP B 22 21.64 3.95 18.51
C TRP B 22 21.18 4.73 19.75
N GLY B 23 19.93 4.52 20.13
CA GLY B 23 19.28 5.44 21.06
C GLY B 23 18.53 4.73 22.15
N ALA B 24 18.04 5.57 23.07
CA ALA B 24 17.09 5.14 24.05
C ALA B 24 16.18 6.31 24.35
N ALA B 25 15.04 6.03 24.98
CA ALA B 25 14.01 7.07 25.03
C ALA B 25 13.22 7.13 26.35
N SER B 26 12.65 8.32 26.56
CA SER B 26 11.66 8.48 27.63
C SER B 26 10.58 9.52 27.26
N ALA B 27 9.68 9.79 28.23
CA ALA B 27 8.70 10.88 28.14
C ALA B 27 8.57 11.60 29.50
N ALA B 28 8.43 12.92 29.46
CA ALA B 28 8.54 13.73 30.67
C ALA B 28 7.70 13.28 31.87
N TYR B 29 6.41 13.11 31.63
CA TYR B 29 5.53 12.78 32.71
C TYR B 29 5.98 11.45 33.26
N GLN B 30 6.47 10.61 32.39
CA GLN B 30 6.75 9.27 32.85
C GLN B 30 8.02 9.20 33.72
N VAL B 31 8.83 10.25 33.67
CA VAL B 31 10.17 10.15 34.20
C VAL B 31 10.64 11.26 35.18
N GLU B 32 10.22 12.51 34.93
CA GLU B 32 10.72 13.71 35.56
C GLU B 32 10.39 13.88 37.04
N GLY B 33 9.13 13.68 37.42
CA GLY B 33 8.64 14.18 38.74
C GLY B 33 8.68 15.70 38.77
N ALA B 34 8.97 16.24 39.97
CA ALA B 34 9.06 17.72 40.14
C ALA B 34 7.86 18.40 39.51
N TRP B 35 6.69 17.84 39.79
CA TRP B 35 5.44 18.20 39.08
C TRP B 35 4.93 19.61 39.33
N ASN B 36 5.39 20.18 40.44
CA ASN B 36 5.06 21.56 40.84
C ASN B 36 6.25 22.36 41.32
N GLU B 37 7.46 22.05 40.85
CA GLU B 37 8.68 22.81 41.15
C GLU B 37 8.99 23.79 40.07
N ASP B 38 9.77 24.79 40.46
CA ASP B 38 10.28 25.81 39.59
C ASP B 38 9.26 26.39 38.62
N GLY B 39 8.02 26.57 39.05
CA GLY B 39 7.05 27.36 38.27
C GLY B 39 6.18 26.46 37.38
N LYS B 40 6.38 25.14 37.45
CA LYS B 40 5.61 24.21 36.60
C LYS B 40 4.10 24.30 36.85
N GLY B 41 3.37 24.54 35.76
CA GLY B 41 1.89 24.50 35.77
C GLY B 41 1.40 23.09 35.68
N LEU B 42 0.11 22.89 35.93
CA LEU B 42 -0.48 21.57 35.94
C LEU B 42 -0.70 21.11 34.48
N SER B 43 -0.57 19.83 34.23
CA SER B 43 -0.95 19.25 32.97
C SER B 43 -2.19 18.39 33.17
N VAL B 44 -2.83 18.04 32.07
CA VAL B 44 -4.00 17.19 32.15
C VAL B 44 -3.65 15.89 32.86
N TRP B 45 -2.38 15.49 32.81
CA TRP B 45 -2.07 14.20 33.43
C TRP B 45 -1.89 14.36 34.91
N ASP B 46 -1.36 15.52 35.34
CA ASP B 46 -1.30 15.82 36.80
C ASP B 46 -2.71 15.65 37.43
N VAL B 47 -3.72 16.27 36.81
CA VAL B 47 -5.12 16.18 37.29
C VAL B 47 -5.70 14.78 37.13
N PHE B 48 -5.54 14.19 35.96
CA PHE B 48 -6.20 12.92 35.63
C PHE B 48 -5.71 11.79 36.53
N ALA B 49 -4.40 11.74 36.77
CA ALA B 49 -3.85 10.58 37.46
C ALA B 49 -4.33 10.59 38.90
N LYS B 50 -4.72 11.75 39.41
CA LYS B 50 -5.17 11.87 40.80
C LYS B 50 -6.63 11.57 41.01
N GLN B 51 -7.39 11.44 39.91
CA GLN B 51 -8.79 11.04 39.96
C GLN B 51 -8.85 9.60 40.44
N PRO B 52 -9.69 9.31 41.45
CA PRO B 52 -9.48 7.95 41.99
C PRO B 52 -9.85 6.86 41.00
N GLY B 53 -9.17 5.71 41.12
CA GLY B 53 -9.36 4.53 40.24
C GLY B 53 -8.89 4.62 38.79
N ARG B 54 -8.38 5.77 38.34
CA ARG B 54 -7.82 5.89 36.98
C ARG B 54 -6.53 5.07 36.76
N THR B 55 -5.60 5.10 37.72
CA THR B 55 -4.29 4.46 37.54
C THR B 55 -4.07 3.32 38.56
N PHE B 56 -3.24 2.36 38.20
CA PHE B 56 -2.94 1.26 39.08
C PHE B 56 -2.40 1.67 40.48
N LYS B 57 -3.13 1.29 41.53
CA LYS B 57 -2.82 1.66 42.94
C LYS B 57 -2.50 3.14 43.10
N GLY B 58 -3.20 3.95 42.32
CA GLY B 58 -3.14 5.40 42.43
C GLY B 58 -1.82 6.01 42.08
N THR B 59 -1.04 5.27 41.30
CA THR B 59 0.30 5.72 40.94
C THR B 59 0.20 6.92 40.05
N ASN B 60 1.14 7.84 40.20
CA ASN B 60 1.06 9.11 39.46
C ASN B 60 2.44 9.69 39.33
N GLY B 61 2.61 10.81 38.66
CA GLY B 61 3.97 11.34 38.41
C GLY B 61 4.42 12.57 39.19
N ASP B 62 3.93 12.70 40.43
CA ASP B 62 4.45 13.82 41.25
C ASP B 62 5.96 13.68 41.34
N VAL B 63 6.43 12.46 41.59
CA VAL B 63 7.86 12.17 41.68
C VAL B 63 8.35 11.30 40.50
N ALA B 64 7.60 10.24 40.17
CA ALA B 64 7.93 9.34 39.07
C ALA B 64 9.28 8.65 39.37
N VAL B 65 10.34 8.86 38.57
CA VAL B 65 11.64 8.30 38.95
C VAL B 65 12.64 9.43 39.21
N ASP B 66 12.10 10.65 39.29
CA ASP B 66 12.76 11.83 39.80
C ASP B 66 13.94 12.22 38.91
N HIS B 67 13.70 12.10 37.62
CA HIS B 67 14.73 12.44 36.67
C HIS B 67 14.99 13.92 36.62
N TYR B 68 14.00 14.77 36.97
CA TYR B 68 14.24 16.26 37.03
C TYR B 68 15.47 16.61 37.93
N HIS B 69 15.64 15.85 38.99
CA HIS B 69 16.71 16.13 39.97
C HIS B 69 17.91 15.23 39.75
N ARG B 70 17.66 14.05 39.19
CA ARG B 70 18.70 13.05 39.00
C ARG B 70 19.26 12.95 37.57
N TYR B 71 19.00 13.93 36.73
CA TYR B 71 19.37 13.82 35.32
C TYR B 71 20.87 13.63 35.11
N GLN B 72 21.73 14.22 35.95
CA GLN B 72 23.19 14.11 35.74
C GLN B 72 23.72 12.68 35.90
N GLU B 73 23.14 11.97 36.85
CA GLU B 73 23.43 10.56 37.07
C GLU B 73 22.89 9.75 35.90
N ASP B 74 21.74 10.19 35.40
CA ASP B 74 21.06 9.45 34.33
C ASP B 74 21.85 9.60 33.01
N VAL B 75 22.27 10.82 32.66
CA VAL B 75 23.16 11.07 31.54
C VAL B 75 24.56 10.41 31.66
N ALA B 76 25.09 10.27 32.87
CA ALA B 76 26.40 9.61 33.11
C ALA B 76 26.26 8.17 32.76
N LEU B 77 25.17 7.56 33.16
CA LEU B 77 24.92 6.17 32.80
C LEU B 77 24.72 5.92 31.27
N MET B 78 24.18 6.94 30.62
CA MET B 78 24.00 6.88 29.19
C MET B 78 25.38 6.93 28.51
N ALA B 79 26.24 7.83 28.96
CA ALA B 79 27.61 7.93 28.44
C ALA B 79 28.37 6.66 28.71
N GLU B 80 28.16 6.10 29.88
CA GLU B 80 28.73 4.81 30.17
C GLU B 80 28.31 3.73 29.13
N MET B 81 27.01 3.67 28.81
CA MET B 81 26.48 2.67 27.85
C MET B 81 27.02 2.90 26.42
N GLY B 82 27.38 4.14 26.15
CA GLY B 82 27.81 4.60 24.87
C GLY B 82 26.70 5.07 23.95
N LEU B 83 25.55 5.49 24.48
CA LEU B 83 24.40 5.89 23.66
C LEU B 83 24.79 6.97 22.70
N LYS B 84 24.37 6.84 21.45
CA LYS B 84 24.60 7.86 20.41
C LYS B 84 23.54 8.93 20.45
N ALA B 85 22.34 8.56 20.90
CA ALA B 85 21.23 9.51 21.03
C ALA B 85 20.32 9.19 22.22
N TYR B 86 19.60 10.19 22.67
CA TYR B 86 18.61 10.03 23.76
C TYR B 86 17.41 10.83 23.38
N ARG B 87 16.27 10.18 23.33
CA ARG B 87 15.05 10.89 22.96
C ARG B 87 14.22 11.12 24.24
N PHE B 88 13.78 12.33 24.44
CA PHE B 88 12.98 12.70 25.61
C PHE B 88 11.96 13.69 25.14
N SER B 89 10.88 13.83 25.91
CA SER B 89 9.94 14.93 25.68
C SER B 89 10.14 16.10 26.58
N VAL B 90 9.78 17.27 26.04
CA VAL B 90 9.62 18.49 26.79
C VAL B 90 8.19 18.60 27.32
N SER B 91 8.09 18.90 28.61
CA SER B 91 6.79 19.12 29.32
C SER B 91 6.30 20.54 29.06
N TRP B 92 5.27 20.68 28.23
CA TRP B 92 4.74 22.02 27.81
C TRP B 92 4.37 22.84 29.07
N SER B 93 3.83 22.18 30.08
CA SER B 93 3.49 22.87 31.31
C SER B 93 4.71 23.39 32.15
N ARG B 94 5.93 22.93 31.88
CA ARG B 94 7.11 23.52 32.51
C ARG B 94 7.47 24.78 31.79
N VAL B 95 7.21 24.80 30.50
CA VAL B 95 7.68 25.86 29.70
C VAL B 95 6.68 26.98 29.65
N PHE B 96 5.42 26.65 29.52
CA PHE B 96 4.35 27.65 29.62
C PHE B 96 3.36 27.13 30.66
N PRO B 97 3.48 27.59 31.92
CA PRO B 97 2.57 27.02 32.93
C PRO B 97 1.11 27.13 32.57
N ASP B 98 0.72 28.17 31.83
CA ASP B 98 -0.68 28.38 31.38
C ASP B 98 -0.89 27.93 29.93
N GLY B 99 0.13 27.42 29.27
CA GLY B 99 -0.03 27.02 27.89
C GLY B 99 0.19 28.14 26.91
N ASN B 100 -0.39 29.31 27.16
CA ASN B 100 -0.24 30.43 26.22
C ASN B 100 0.13 31.80 26.82
N GLY B 101 0.50 31.84 28.09
CA GLY B 101 0.86 33.12 28.66
C GLY B 101 2.35 33.25 28.57
N ALA B 102 2.95 33.82 29.61
CA ALA B 102 4.38 34.08 29.60
C ALA B 102 5.19 32.78 29.79
N VAL B 103 6.38 32.82 29.22
CA VAL B 103 7.36 31.75 29.29
C VAL B 103 7.98 31.63 30.70
N ASN B 104 8.17 30.40 31.16
CA ASN B 104 8.86 30.12 32.41
C ASN B 104 10.31 29.73 32.11
N GLU B 105 11.18 30.72 32.32
CA GLU B 105 12.59 30.60 32.08
C GLU B 105 13.25 29.48 32.85
N LYS B 106 12.76 29.16 34.04
CA LYS B 106 13.33 28.04 34.81
C LYS B 106 12.96 26.70 34.17
N GLY B 107 11.84 26.68 33.46
CA GLY B 107 11.43 25.48 32.74
C GLY B 107 12.38 25.20 31.59
N LEU B 108 12.59 26.20 30.74
CA LEU B 108 13.54 26.12 29.67
C LEU B 108 14.88 25.75 30.18
N ASP B 109 15.25 26.40 31.29
CA ASP B 109 16.56 26.23 31.88
C ASP B 109 16.84 24.77 32.18
N PHE B 110 15.84 24.02 32.67
CA PHE B 110 16.06 22.59 32.92
C PHE B 110 16.45 21.88 31.62
N TYR B 111 15.72 22.15 30.54
CA TYR B 111 15.97 21.49 29.25
C TYR B 111 17.33 21.96 28.67
N ASP B 112 17.62 23.25 28.78
CA ASP B 112 19.02 23.75 28.54
C ASP B 112 20.08 22.93 29.26
N ARG B 113 19.95 22.78 30.56
CA ARG B 113 20.92 21.99 31.34
C ARG B 113 21.01 20.56 30.87
N LEU B 114 19.85 19.95 30.59
CA LEU B 114 19.84 18.56 30.13
C LEU B 114 20.55 18.43 28.77
N ILE B 115 20.25 19.33 27.84
CA ILE B 115 20.88 19.30 26.52
C ILE B 115 22.42 19.46 26.63
N GLU B 116 22.82 20.45 27.42
CA GLU B 116 24.24 20.66 27.64
C GLU B 116 24.86 19.40 28.19
N GLU B 117 24.20 18.83 29.17
CA GLU B 117 24.73 17.62 29.79
C GLU B 117 24.90 16.50 28.72
N LEU B 118 23.92 16.40 27.83
CA LEU B 118 24.00 15.39 26.75
C LEU B 118 25.12 15.76 25.77
N ARG B 119 25.20 16.99 25.29
CA ARG B 119 26.28 17.32 24.34
C ARG B 119 27.64 17.08 24.95
N ASN B 120 27.87 17.60 26.16
CA ASN B 120 29.14 17.39 26.86
C ASN B 120 29.56 15.93 26.90
N HIS B 121 28.64 14.97 26.77
CA HIS B 121 29.06 13.56 26.67
C HIS B 121 28.98 12.98 25.25
N GLY B 122 28.90 13.84 24.25
CA GLY B 122 28.72 13.45 22.84
C GLY B 122 27.49 12.62 22.44
N ILE B 123 26.35 12.89 23.08
CA ILE B 123 25.09 12.15 22.89
C ILE B 123 24.17 13.09 22.10
N GLU B 124 23.58 12.60 20.99
CA GLU B 124 22.68 13.42 20.16
C GLU B 124 21.34 13.48 20.88
N PRO B 125 20.87 14.68 21.13
CA PRO B 125 19.56 14.76 21.74
C PRO B 125 18.48 14.73 20.68
N ILE B 126 17.38 14.02 20.95
CA ILE B 126 16.20 14.03 20.11
C ILE B 126 15.01 14.60 20.89
N VAL B 127 14.54 15.76 20.48
CA VAL B 127 13.49 16.39 21.23
C VAL B 127 12.07 16.13 20.70
N THR B 128 11.29 15.44 21.51
CA THR B 128 9.88 15.29 21.25
C THR B 128 9.13 16.47 21.82
N LEU B 129 8.38 17.17 20.96
CA LEU B 129 7.61 18.32 21.39
C LEU B 129 6.43 17.95 22.30
N TYR B 130 5.66 16.94 21.89
CA TYR B 130 4.40 16.64 22.62
C TYR B 130 4.27 15.18 23.00
N HIS B 131 4.41 14.84 24.29
CA HIS B 131 3.99 13.50 24.75
C HIS B 131 2.87 13.53 25.81
N TRP B 132 1.71 14.02 25.35
CA TRP B 132 0.38 13.74 25.96
C TRP B 132 0.00 14.61 27.19
N ASP B 133 0.80 15.63 27.47
CA ASP B 133 0.77 16.40 28.70
C ASP B 133 0.45 17.89 28.45
N VAL B 134 -0.56 18.14 27.62
CA VAL B 134 -1.00 19.52 27.40
C VAL B 134 -1.41 20.14 28.75
N PRO B 135 -1.01 21.41 28.96
CA PRO B 135 -1.38 22.17 30.16
C PRO B 135 -2.90 22.17 30.43
N GLN B 136 -3.29 21.76 31.63
CA GLN B 136 -4.71 21.78 32.08
C GLN B 136 -5.39 23.10 31.83
N ALA B 137 -4.66 24.20 31.92
CA ALA B 137 -5.28 25.52 31.66
C ALA B 137 -5.88 25.62 30.23
N LEU B 138 -5.26 24.91 29.27
CA LEU B 138 -5.75 24.98 27.88
C LEU B 138 -6.97 24.08 27.73
N MET B 139 -7.01 22.95 28.44
CA MET B 139 -8.22 22.13 28.50
C MET B 139 -9.33 22.98 29.16
N ASP B 140 -8.98 23.71 30.23
CA ASP B 140 -9.96 24.58 30.92
C ASP B 140 -10.36 25.75 30.06
N ALA B 141 -9.42 26.42 29.43
CA ALA B 141 -9.76 27.62 28.69
C ALA B 141 -10.60 27.34 27.44
N TYR B 142 -10.40 26.19 26.76
CA TYR B 142 -11.08 25.95 25.45
C TYR B 142 -11.12 24.54 24.87
N GLY B 143 -10.99 23.53 25.73
CA GLY B 143 -11.08 22.15 25.33
C GLY B 143 -9.80 21.57 24.71
N ALA B 144 -8.72 22.32 24.78
CA ALA B 144 -7.42 21.85 24.35
C ALA B 144 -7.44 21.36 22.87
N TRP B 145 -7.33 20.05 22.59
CA TRP B 145 -7.22 19.56 21.18
C TRP B 145 -8.54 19.73 20.39
N GLU B 146 -9.70 19.97 21.05
CA GLU B 146 -10.95 20.22 20.32
C GLU B 146 -11.08 21.64 19.79
N SER B 147 -10.10 22.49 20.02
CA SER B 147 -10.23 23.84 19.50
C SER B 147 -9.08 24.24 18.63
N ARG B 148 -9.36 24.98 17.55
CA ARG B 148 -8.34 25.44 16.67
C ARG B 148 -7.36 26.37 17.32
N ARG B 149 -7.73 26.93 18.48
CA ARG B 149 -6.80 27.81 19.19
C ARG B 149 -5.53 27.10 19.61
N ILE B 150 -5.63 25.81 19.88
CA ILE B 150 -4.46 25.06 20.29
C ILE B 150 -3.38 25.09 19.18
N ILE B 151 -3.78 25.36 17.94
CA ILE B 151 -2.84 25.34 16.81
C ILE B 151 -1.77 26.41 16.94
N ASP B 152 -2.18 27.65 17.21
CA ASP B 152 -1.19 28.74 17.34
C ASP B 152 -0.48 28.74 18.69
N ASP B 153 -1.18 28.23 19.70
CA ASP B 153 -0.57 28.03 21.02
C ASP B 153 0.53 26.98 20.96
N PHE B 154 0.25 25.85 20.30
CA PHE B 154 1.23 24.78 20.17
C PHE B 154 2.40 25.29 19.38
N ASP B 155 2.10 26.11 18.39
CA ASP B 155 3.13 26.64 17.50
C ASP B 155 4.08 27.54 18.30
N ARG B 156 3.51 28.51 19.02
CA ARG B 156 4.33 29.41 19.86
C ARG B 156 5.21 28.57 20.84
N TYR B 157 4.63 27.57 21.48
CA TYR B 157 5.48 26.68 22.30
C TYR B 157 6.61 26.02 21.48
N ALA B 158 6.29 25.38 20.36
CA ALA B 158 7.33 24.75 19.52
C ALA B 158 8.37 25.78 19.03
N VAL B 159 7.92 26.95 18.55
CA VAL B 159 8.87 28.00 18.10
C VAL B 159 9.84 28.48 19.23
N THR B 160 9.30 28.65 20.43
CA THR B 160 10.12 28.92 21.60
C THR B 160 11.23 27.89 21.77
N LEU B 161 10.88 26.62 21.70
CA LEU B 161 11.89 25.58 21.77
C LEU B 161 12.87 25.64 20.59
N PHE B 162 12.34 25.87 19.38
CA PHE B 162 13.16 25.89 18.18
C PHE B 162 14.22 26.98 18.32
N GLN B 163 13.78 28.18 18.70
CA GLN B 163 14.68 29.32 18.92
C GLN B 163 15.78 29.09 19.98
N ARG B 164 15.44 28.37 21.03
CA ARG B 164 16.29 28.26 22.19
C ARG B 164 17.29 27.10 22.04
N PHE B 165 16.84 25.99 21.48
CA PHE B 165 17.67 24.80 21.30
C PHE B 165 17.92 24.42 19.85
N GLY B 166 17.46 25.24 18.92
CA GLY B 166 17.65 24.96 17.48
C GLY B 166 19.10 24.71 17.09
N ASP B 167 19.99 25.57 17.55
CA ASP B 167 21.42 25.47 17.25
C ASP B 167 22.09 24.21 17.79
N ARG B 168 21.44 23.53 18.73
CA ARG B 168 22.05 22.34 19.35
C ARG B 168 21.31 21.01 19.08
N VAL B 169 20.09 21.09 18.55
CA VAL B 169 19.29 19.88 18.35
C VAL B 169 18.95 19.72 16.87
N LYS B 170 19.39 18.63 16.28
CA LYS B 170 19.13 18.39 14.87
C LYS B 170 17.79 17.66 14.66
N TYR B 171 17.53 16.65 15.49
CA TYR B 171 16.38 15.76 15.35
C TYR B 171 15.25 16.10 16.31
N TRP B 172 14.07 16.30 15.75
CA TRP B 172 12.87 16.67 16.47
C TRP B 172 11.76 15.74 16.07
N VAL B 173 10.95 15.35 17.05
CA VAL B 173 9.67 14.65 16.82
C VAL B 173 8.57 15.63 17.25
N THR B 174 7.50 15.75 16.48
CA THR B 174 6.46 16.69 16.78
C THR B 174 5.47 16.04 17.74
N LEU B 175 4.42 15.42 17.22
CA LEU B 175 3.45 14.76 18.06
C LEU B 175 3.91 13.35 18.23
N ASN B 176 3.98 12.83 19.46
CA ASN B 176 4.29 11.40 19.67
C ASN B 176 2.99 10.64 19.90
N GLU B 177 2.75 9.64 19.06
CA GLU B 177 1.63 8.73 19.10
C GLU B 177 0.29 9.44 19.16
N GLN B 178 0.09 10.35 18.23
CA GLN B 178 -1.17 11.02 18.08
C GLN B 178 -2.38 10.08 18.11
N ASN B 179 -2.27 8.96 17.44
CA ASN B 179 -3.39 8.05 17.35
C ASN B 179 -3.74 7.47 18.71
N ILE B 180 -2.78 7.48 19.63
CA ILE B 180 -2.98 6.92 20.96
C ILE B 180 -3.63 7.99 21.84
N PHE B 181 -3.09 9.21 21.91
CA PHE B 181 -3.67 10.20 22.81
C PHE B 181 -5.04 10.62 22.32
N ILE B 182 -5.22 10.68 21.01
CA ILE B 182 -6.54 10.98 20.49
C ILE B 182 -7.51 9.88 20.81
N SER B 183 -7.11 8.66 20.57
CA SER B 183 -8.04 7.62 20.62
C SER B 183 -8.29 7.21 22.06
N PHE B 184 -7.24 7.16 22.86
CA PHE B 184 -7.43 6.82 24.24
C PHE B 184 -8.17 8.00 24.96
N GLY B 185 -7.97 9.21 24.49
CA GLY B 185 -8.53 10.37 25.14
C GLY B 185 -9.95 10.71 24.78
N TYR B 186 -10.35 10.34 23.55
CA TYR B 186 -11.65 10.70 23.06
C TYR B 186 -12.54 9.57 22.58
N ARG B 187 -12.05 8.33 22.50
CA ARG B 187 -12.90 7.23 22.14
C ARG B 187 -13.00 6.19 23.23
N LEU B 188 -11.88 5.84 23.81
CA LEU B 188 -11.93 4.83 24.81
C LEU B 188 -12.13 5.45 26.26
N GLY B 189 -11.84 6.75 26.40
CA GLY B 189 -11.93 7.44 27.68
C GLY B 189 -10.90 7.04 28.72
N LEU B 190 -9.79 6.45 28.30
CA LEU B 190 -8.77 5.91 29.21
C LEU B 190 -7.71 6.92 29.58
N HIS B 191 -7.62 7.98 28.80
CA HIS B 191 -6.69 9.05 29.00
C HIS B 191 -7.47 10.36 29.00
N PRO B 192 -6.87 11.42 29.52
CA PRO B 192 -7.54 12.69 29.45
C PRO B 192 -7.83 13.03 28.02
N PRO B 193 -9.01 13.59 27.74
CA PRO B 193 -9.94 14.13 28.74
C PRO B 193 -10.98 13.13 29.20
N GLY B 194 -10.75 11.86 29.04
CA GLY B 194 -11.69 10.84 29.57
C GLY B 194 -13.01 10.73 28.82
N VAL B 195 -13.04 11.16 27.55
CA VAL B 195 -14.19 11.06 26.63
C VAL B 195 -14.39 9.73 25.81
N LYS B 196 -15.65 9.34 25.60
CA LYS B 196 -16.05 8.24 24.73
C LYS B 196 -17.06 8.78 23.70
N ASP B 197 -16.53 9.43 22.68
CA ASP B 197 -17.32 10.11 21.67
C ASP B 197 -16.53 10.25 20.35
N MET B 198 -16.85 9.41 19.36
CA MET B 198 -16.13 9.47 18.05
C MET B 198 -16.21 10.79 17.30
N LYS B 199 -17.33 11.49 17.35
CA LYS B 199 -17.37 12.74 16.61
C LYS B 199 -16.23 13.60 17.16
N ARG B 200 -16.13 13.59 18.48
CA ARG B 200 -15.19 14.48 19.14
C ARG B 200 -13.77 14.01 18.84
N MET B 201 -13.57 12.71 18.90
CA MET B 201 -12.26 12.12 18.54
C MET B 201 -11.75 12.63 17.22
N TYR B 202 -12.60 12.56 16.20
CA TYR B 202 -12.14 12.91 14.85
C TYR B 202 -11.97 14.39 14.67
N GLU B 203 -12.74 15.20 15.43
CA GLU B 203 -12.54 16.66 15.36
C GLU B 203 -11.17 17.04 15.92
N ALA B 204 -10.89 16.55 17.12
CA ALA B 204 -9.62 16.74 17.78
C ALA B 204 -8.45 16.18 16.95
N ASN B 205 -8.66 14.97 16.46
CA ASN B 205 -7.68 14.38 15.54
C ASN B 205 -7.36 15.29 14.41
N HIS B 206 -8.38 15.87 13.81
CA HIS B 206 -8.12 16.80 12.73
C HIS B 206 -7.32 18.03 13.14
N ILE B 207 -7.64 18.58 14.31
CA ILE B 207 -6.91 19.77 14.82
C ILE B 207 -5.43 19.42 15.12
N ALA B 208 -5.20 18.27 15.74
CA ALA B 208 -3.83 17.79 15.93
C ALA B 208 -3.06 17.66 14.61
N ASN B 209 -3.72 17.17 13.55
CA ASN B 209 -3.10 17.17 12.20
C ASN B 209 -2.65 18.52 11.73
N LEU B 210 -3.49 19.52 11.95
CA LEU B 210 -3.15 20.83 11.50
C LEU B 210 -1.99 21.41 12.34
N ALA B 211 -1.99 21.08 13.63
CA ALA B 211 -0.97 21.58 14.58
C ALA B 211 0.38 21.03 14.17
N ASN B 212 0.39 19.75 13.88
CA ASN B 212 1.60 19.11 13.43
C ASN B 212 2.10 19.86 12.22
N ALA B 213 1.21 20.17 11.28
CA ALA B 213 1.67 20.76 9.99
C ALA B 213 2.14 22.15 10.17
N LYS B 214 1.42 22.90 11.00
CA LYS B 214 1.87 24.25 11.34
C LYS B 214 3.29 24.28 11.95
N VAL B 215 3.61 23.40 12.89
CA VAL B 215 4.93 23.51 13.49
C VAL B 215 6.01 22.98 12.54
N ILE B 216 5.70 21.96 11.73
CA ILE B 216 6.67 21.57 10.69
C ILE B 216 6.99 22.76 9.78
N GLN B 217 5.97 23.51 9.36
CA GLN B 217 6.21 24.72 8.58
C GLN B 217 7.13 25.73 9.29
N SER B 218 6.84 25.95 10.57
CA SER B 218 7.62 26.89 11.39
C SER B 218 9.05 26.41 11.48
N PHE B 219 9.22 25.11 11.71
CA PHE B 219 10.54 24.52 11.75
C PHE B 219 11.39 24.79 10.47
N ARG B 220 10.77 24.76 9.27
CA ARG B 220 11.51 25.07 8.02
C ARG B 220 12.12 26.46 8.10
N HIS B 221 11.36 27.44 8.60
CA HIS B 221 11.89 28.79 8.86
C HIS B 221 12.96 28.76 9.97
N TYR B 222 12.66 28.19 11.13
CA TYR B 222 13.53 28.41 12.30
C TYR B 222 14.67 27.44 12.43
N VAL B 223 14.59 26.25 11.88
CA VAL B 223 15.71 25.34 11.98
C VAL B 223 15.98 24.68 10.61
N PRO B 224 16.49 25.46 9.64
CA PRO B 224 16.60 24.97 8.23
C PRO B 224 17.46 23.69 8.03
N ASP B 225 18.45 23.47 8.88
CA ASP B 225 19.29 22.27 8.72
C ASP B 225 18.92 21.16 9.66
N GLY B 226 17.75 21.28 10.30
CA GLY B 226 17.28 20.24 11.18
C GLY B 226 16.40 19.24 10.49
N LYS B 227 16.14 18.15 11.20
CA LYS B 227 15.22 17.14 10.77
C LYS B 227 14.06 16.89 11.74
N ILE B 228 12.85 16.84 11.16
CA ILE B 228 11.62 16.70 11.87
C ILE B 228 10.58 15.71 11.28
N GLY B 229 9.86 15.04 12.16
CA GLY B 229 8.67 14.33 11.78
C GLY B 229 7.83 13.92 12.97
N PRO B 230 6.62 13.43 12.69
CA PRO B 230 5.74 13.01 13.75
C PRO B 230 6.14 11.62 14.04
N SER B 231 5.68 11.05 15.15
CA SER B 231 5.96 9.67 15.33
C SER B 231 4.69 8.93 15.58
N PHE B 232 4.46 7.85 14.83
CA PHE B 232 3.21 7.17 14.78
C PHE B 232 3.30 5.87 15.54
N ALA B 233 2.31 5.58 16.39
CA ALA B 233 2.25 4.26 17.02
C ALA B 233 1.67 3.26 16.03
N TYR B 234 2.55 2.36 15.52
CA TYR B 234 2.30 1.54 14.32
C TYR B 234 2.23 0.12 14.68
N SER B 235 1.03 -0.42 14.62
CA SER B 235 0.85 -1.83 14.68
C SER B 235 0.42 -2.31 13.25
N PRO B 236 1.40 -2.79 12.44
CA PRO B 236 1.08 -3.27 11.08
C PRO B 236 -0.04 -4.30 11.14
N MET B 237 -1.08 -4.19 10.32
CA MET B 237 -2.11 -5.23 10.30
C MET B 237 -1.75 -6.39 9.36
N TYR B 238 -2.23 -7.58 9.72
CA TYR B 238 -2.18 -8.80 8.98
C TYR B 238 -3.58 -9.34 8.80
N PRO B 239 -3.86 -9.96 7.65
CA PRO B 239 -5.08 -10.74 7.60
C PRO B 239 -4.86 -12.05 8.27
N TYR B 240 -5.92 -12.63 8.81
CA TYR B 240 -5.85 -13.91 9.49
C TYR B 240 -5.43 -14.99 8.52
N ASP B 241 -6.13 -15.04 7.38
CA ASP B 241 -5.84 -16.03 6.34
C ASP B 241 -6.21 -15.48 4.94
N SER B 242 -6.16 -16.33 3.91
CA SER B 242 -6.41 -15.92 2.54
C SER B 242 -7.88 -16.03 2.12
N ARG B 243 -8.81 -16.09 3.07
CA ARG B 243 -10.22 -15.92 2.77
C ARG B 243 -10.39 -14.49 2.29
N PRO B 244 -11.10 -14.28 1.18
CA PRO B 244 -11.07 -12.92 0.65
C PRO B 244 -11.65 -11.92 1.59
N GLU B 245 -12.66 -12.34 2.35
CA GLU B 245 -13.33 -11.48 3.31
C GLU B 245 -12.38 -11.10 4.42
N ASN B 246 -11.48 -12.00 4.76
CA ASN B 246 -10.42 -11.66 5.70
C ASN B 246 -9.37 -10.69 5.19
N VAL B 247 -9.04 -10.79 3.91
CA VAL B 247 -8.05 -9.88 3.33
C VAL B 247 -8.73 -8.50 3.20
N LEU B 248 -10.01 -8.47 2.88
CA LEU B 248 -10.70 -7.18 2.84
C LEU B 248 -10.69 -6.48 4.19
N ALA B 249 -11.00 -7.25 5.22
CA ALA B 249 -10.94 -6.77 6.57
C ALA B 249 -9.52 -6.23 6.85
N PHE B 250 -8.47 -6.87 6.35
CA PHE B 250 -7.12 -6.30 6.47
C PHE B 250 -6.96 -4.97 5.76
N GLU B 251 -7.53 -4.83 4.56
CA GLU B 251 -7.49 -3.56 3.84
C GLU B 251 -8.17 -2.47 4.63
N ASN B 252 -9.32 -2.78 5.19
CA ASN B 252 -10.03 -1.77 6.01
C ASN B 252 -9.25 -1.43 7.24
N ALA B 253 -8.72 -2.43 7.92
CA ALA B 253 -7.94 -2.15 9.13
C ALA B 253 -6.67 -1.33 8.92
N GLU B 254 -5.93 -1.65 7.89
CA GLU B 254 -4.66 -0.95 7.72
C GLU B 254 -4.96 0.47 7.29
N GLU B 255 -6.00 0.64 6.52
CA GLU B 255 -6.37 1.98 6.09
C GLU B 255 -6.94 2.81 7.27
N PHE B 256 -7.82 2.19 8.02
CA PHE B 256 -8.54 2.88 9.10
C PHE B 256 -7.64 3.16 10.31
N GLN B 257 -6.93 2.15 10.80
CA GLN B 257 -5.99 2.26 11.93
C GLN B 257 -4.65 2.95 11.60
N ASN B 258 -4.09 2.73 10.39
CA ASN B 258 -2.74 3.19 10.05
C ASN B 258 -2.66 4.31 9.03
N HIS B 259 -3.21 4.09 7.84
CA HIS B 259 -3.09 5.10 6.78
C HIS B 259 -3.81 6.39 7.14
N TRP B 260 -4.89 6.21 7.93
CA TRP B 260 -5.70 7.37 8.44
C TRP B 260 -4.78 8.47 8.99
N TRP B 261 -3.72 8.04 9.68
CA TRP B 261 -2.71 8.97 10.21
C TRP B 261 -1.52 9.16 9.27
N MET B 262 -0.92 8.05 8.83
CA MET B 262 0.31 8.19 8.06
C MET B 262 0.12 8.88 6.73
N ASP B 263 -1.02 8.68 6.08
CA ASP B 263 -1.14 9.34 4.77
C ASP B 263 -1.29 10.81 5.01
N VAL B 264 -1.86 11.21 6.15
CA VAL B 264 -1.95 12.66 6.45
C VAL B 264 -0.58 13.24 6.72
N TYR B 265 0.23 12.52 7.50
CA TYR B 265 1.60 12.99 7.73
C TYR B 265 2.44 13.05 6.42
N ALA B 266 2.28 12.03 5.56
CA ALA B 266 3.13 11.89 4.33
C ALA B 266 2.64 12.74 3.15
N TRP B 267 1.34 12.71 2.91
CA TRP B 267 0.76 13.25 1.71
C TRP B 267 -0.26 14.31 1.97
N GLY B 268 -0.54 14.66 3.21
CA GLY B 268 -1.51 15.71 3.48
C GLY B 268 -2.97 15.38 3.18
N MET B 269 -3.36 14.13 3.10
CA MET B 269 -4.75 13.87 2.80
C MET B 269 -5.19 12.59 3.47
N TYR B 270 -6.47 12.53 3.81
CA TYR B 270 -7.04 11.34 4.37
C TYR B 270 -7.39 10.33 3.29
N PRO B 271 -7.30 9.05 3.62
CA PRO B 271 -7.79 7.99 2.73
C PRO B 271 -9.31 8.03 2.49
N GLN B 272 -9.66 7.89 1.21
CA GLN B 272 -10.99 8.19 0.74
C GLN B 272 -12.02 7.23 1.29
N ALA B 273 -11.71 5.95 1.30
CA ALA B 273 -12.70 5.01 1.73
C ALA B 273 -13.08 5.18 3.23
N ALA B 274 -12.06 5.42 4.05
CA ALA B 274 -12.30 5.60 5.47
C ALA B 274 -13.06 6.92 5.67
N TRP B 275 -12.71 7.93 4.92
CA TRP B 275 -13.42 9.16 4.98
C TRP B 275 -14.86 8.94 4.69
N ASN B 276 -15.16 8.20 3.62
CA ASN B 276 -16.54 8.02 3.20
C ASN B 276 -17.33 7.30 4.26
N TYR B 277 -16.73 6.30 4.88
CA TYR B 277 -17.40 5.55 5.89
C TYR B 277 -17.67 6.45 7.09
N LEU B 278 -16.70 7.25 7.47
CA LEU B 278 -16.97 8.30 8.48
C LEU B 278 -18.13 9.20 8.10
N GLU B 279 -18.14 9.64 6.85
CA GLU B 279 -19.09 10.65 6.37
C GLU B 279 -20.46 10.06 6.48
N SER B 280 -20.52 8.76 6.19
CA SER B 280 -21.77 8.07 6.26
C SER B 280 -22.27 7.97 7.71
N GLN B 281 -21.39 7.99 8.72
CA GLN B 281 -21.80 7.89 10.12
C GLN B 281 -21.99 9.27 10.75
N GLY B 282 -21.75 10.34 9.97
CA GLY B 282 -21.73 11.71 10.50
C GLY B 282 -20.51 12.09 11.37
N LEU B 283 -19.48 11.23 11.30
CA LEU B 283 -18.29 11.31 12.16
C LEU B 283 -17.13 12.07 11.55
N GLU B 284 -17.28 12.58 10.33
CA GLU B 284 -16.10 13.07 9.63
C GLU B 284 -15.79 14.42 10.16
N PRO B 285 -14.51 14.80 10.17
CA PRO B 285 -14.19 16.14 10.68
C PRO B 285 -14.68 17.32 9.86
N THR B 286 -14.73 18.45 10.55
CA THR B 286 -15.06 19.72 9.97
C THR B 286 -13.80 20.25 9.31
N VAL B 287 -13.94 20.69 8.07
CA VAL B 287 -12.81 21.27 7.34
C VAL B 287 -13.04 22.71 7.03
N ALA B 288 -12.03 23.55 7.20
CA ALA B 288 -12.10 24.99 6.86
C ALA B 288 -11.25 25.30 5.62
N PRO B 289 -11.56 26.42 4.93
CA PRO B 289 -10.67 26.86 3.88
C PRO B 289 -9.24 26.82 4.39
N GLY B 290 -8.33 26.29 3.59
CA GLY B 290 -6.91 26.35 3.92
C GLY B 290 -6.36 25.10 4.61
N ASP B 291 -7.24 24.28 5.15
CA ASP B 291 -6.75 23.10 5.86
C ASP B 291 -5.92 22.23 4.91
N TRP B 292 -6.44 21.94 3.71
CA TRP B 292 -5.78 20.97 2.85
C TRP B 292 -4.44 21.53 2.37
N GLU B 293 -4.42 22.81 2.04
CA GLU B 293 -3.18 23.48 1.61
C GLU B 293 -2.09 23.36 2.70
N LEU B 294 -2.47 23.65 3.94
CA LEU B 294 -1.53 23.54 5.06
C LEU B 294 -1.02 22.10 5.26
N LEU B 295 -1.93 21.13 5.31
CA LEU B 295 -1.56 19.71 5.52
C LEU B 295 -0.66 19.13 4.42
N GLN B 296 -0.87 19.62 3.19
CA GLN B 296 -0.15 19.10 2.01
C GLN B 296 1.22 19.68 1.94
N ALA B 297 1.35 20.89 2.51
CA ALA B 297 2.57 21.67 2.51
C ALA B 297 3.56 21.41 3.67
N ALA B 298 3.50 20.26 4.33
CA ALA B 298 4.19 20.07 5.60
C ALA B 298 4.85 18.72 5.63
N LYS B 299 5.82 18.59 4.73
CA LYS B 299 6.35 17.28 4.43
C LYS B 299 7.43 17.04 5.46
N PRO B 300 7.41 15.89 6.07
CA PRO B 300 8.41 15.67 7.10
C PRO B 300 9.71 15.12 6.52
N ASP B 301 10.79 15.13 7.31
CA ASP B 301 12.04 14.49 6.89
C ASP B 301 12.01 13.02 7.15
N PHE B 302 11.17 12.57 8.07
CA PHE B 302 11.12 11.15 8.35
C PHE B 302 9.82 10.83 9.00
N MET B 303 9.58 9.54 9.19
CA MET B 303 8.42 9.10 9.92
C MET B 303 8.97 8.44 11.14
N GLY B 304 8.55 8.93 12.28
CA GLY B 304 8.84 8.25 13.55
C GLY B 304 7.94 7.10 13.64
N VAL B 305 8.45 6.00 14.18
CA VAL B 305 7.73 4.77 14.35
C VAL B 305 7.97 4.23 15.75
N ASN B 306 6.89 4.10 16.49
CA ASN B 306 6.89 3.42 17.75
C ASN B 306 6.26 2.12 17.44
N TYR B 307 6.99 1.05 17.64
CA TYR B 307 6.56 -0.29 17.32
C TYR B 307 6.73 -1.23 18.48
N TYR B 308 5.74 -2.08 18.71
CA TYR B 308 5.79 -3.07 19.75
C TYR B 308 5.22 -4.37 19.24
N GLN B 309 4.23 -4.28 18.34
CA GLN B 309 3.55 -5.44 17.88
C GLN B 309 2.72 -5.21 16.62
N THR B 310 2.41 -6.31 15.97
CA THR B 310 1.44 -6.37 14.89
C THR B 310 0.08 -6.84 15.41
N THR B 311 -0.91 -6.68 14.54
CA THR B 311 -2.29 -7.09 14.82
C THR B 311 -2.82 -7.92 13.67
N THR B 312 -3.45 -9.03 14.00
CA THR B 312 -4.08 -9.89 13.01
C THR B 312 -5.60 -9.62 13.04
N VAL B 313 -6.22 -9.47 11.86
CA VAL B 313 -7.65 -9.15 11.78
C VAL B 313 -8.47 -10.14 10.95
N GLU B 314 -9.78 -10.12 11.16
CA GLU B 314 -10.70 -10.99 10.41
C GLU B 314 -12.01 -10.24 10.14
N HIS B 315 -12.81 -10.78 9.23
CA HIS B 315 -14.14 -10.26 8.90
C HIS B 315 -14.92 -10.03 10.19
N ASN B 316 -15.58 -8.89 10.27
CA ASN B 316 -16.51 -8.55 11.34
C ASN B 316 -17.87 -8.09 10.79
N PRO B 317 -18.93 -8.89 11.02
CA PRO B 317 -20.26 -8.54 10.50
C PRO B 317 -20.81 -7.25 11.12
N PRO B 318 -21.83 -6.60 10.50
CA PRO B 318 -22.50 -5.38 11.03
C PRO B 318 -23.00 -5.45 12.49
N ASP B 319 -23.40 -6.62 12.95
CA ASP B 319 -23.82 -6.78 14.34
C ASP B 319 -22.65 -7.06 15.30
N GLY B 320 -21.50 -7.52 14.81
CA GLY B 320 -20.43 -8.03 15.67
C GLY B 320 -19.61 -7.02 16.46
N VAL B 321 -18.39 -7.43 16.80
CA VAL B 321 -17.56 -6.78 17.82
C VAL B 321 -17.26 -5.28 17.62
N GLY B 322 -17.25 -4.55 18.74
CA GLY B 322 -16.88 -3.12 18.83
C GLY B 322 -15.71 -3.05 19.81
N GLU B 323 -15.81 -2.20 20.84
CA GLU B 323 -14.83 -2.19 21.97
C GLU B 323 -14.68 -3.56 22.59
N GLY B 324 -13.46 -3.94 22.93
CA GLY B 324 -13.21 -5.23 23.58
C GLY B 324 -12.50 -5.02 24.89
N VAL B 325 -12.19 -6.13 25.57
CA VAL B 325 -11.49 -6.09 26.85
C VAL B 325 -9.96 -5.95 26.63
N MET B 326 -9.37 -4.88 27.17
CA MET B 326 -7.91 -4.73 27.23
C MET B 326 -7.33 -5.55 28.38
N ASN B 327 -6.01 -5.62 28.46
CA ASN B 327 -5.32 -6.47 29.44
C ASN B 327 -4.39 -5.64 30.33
N THR B 328 -4.90 -5.19 31.47
CA THR B 328 -4.12 -4.42 32.46
C THR B 328 -3.39 -5.34 33.45
N THR B 329 -4.01 -6.49 33.72
CA THR B 329 -3.63 -7.38 34.81
C THR B 329 -2.24 -8.03 34.62
N GLY B 330 -1.99 -8.67 33.49
CA GLY B 330 -0.79 -9.48 33.32
C GLY B 330 -1.16 -10.95 33.22
N LYS B 331 -2.45 -11.23 33.04
CA LYS B 331 -2.90 -12.61 32.89
C LYS B 331 -3.01 -12.95 31.40
N LYS B 332 -1.98 -13.63 30.90
CA LYS B 332 -2.00 -14.13 29.55
C LYS B 332 -3.37 -14.75 29.38
N GLY B 333 -4.15 -14.20 28.46
CA GLY B 333 -5.41 -14.82 27.99
C GLY B 333 -6.65 -13.95 28.10
N THR B 334 -6.54 -12.84 28.84
CA THR B 334 -7.69 -12.02 29.22
C THR B 334 -8.17 -11.02 28.14
N SER B 335 -7.33 -10.70 27.14
CA SER B 335 -7.77 -9.81 26.06
C SER B 335 -8.85 -10.47 25.24
N THR B 336 -9.70 -9.64 24.67
CA THR B 336 -10.72 -10.12 23.78
C THR B 336 -10.72 -9.23 22.55
N SER B 337 -11.22 -9.81 21.47
CA SER B 337 -11.33 -9.13 20.20
C SER B 337 -11.95 -7.74 20.35
N SER B 338 -11.32 -6.78 19.68
CA SER B 338 -11.82 -5.45 19.47
C SER B 338 -12.11 -5.26 17.97
N GLY B 339 -13.07 -4.43 17.60
CA GLY B 339 -13.32 -4.16 16.21
C GLY B 339 -14.14 -2.95 15.86
N ILE B 340 -14.36 -2.81 14.56
CA ILE B 340 -15.38 -1.94 14.02
C ILE B 340 -16.37 -2.80 13.24
N PRO B 341 -17.66 -2.77 13.65
CA PRO B 341 -18.68 -3.59 13.00
C PRO B 341 -18.76 -3.33 11.52
N GLY B 342 -18.77 -4.40 10.75
CA GLY B 342 -18.79 -4.26 9.32
C GLY B 342 -17.42 -4.26 8.63
N LEU B 343 -16.36 -3.79 9.31
CA LEU B 343 -15.05 -3.58 8.69
C LEU B 343 -14.02 -4.66 9.08
N PHE B 344 -13.71 -4.77 10.38
CA PHE B 344 -12.81 -5.77 10.86
C PHE B 344 -12.91 -5.98 12.40
N LYS B 345 -12.33 -7.07 12.87
CA LYS B 345 -12.07 -7.20 14.30
C LYS B 345 -10.79 -7.96 14.46
N THR B 346 -10.16 -7.77 15.61
CA THR B 346 -8.89 -8.42 15.90
C THR B 346 -9.10 -9.88 16.27
N VAL B 347 -8.02 -10.63 16.21
CA VAL B 347 -8.05 -12.02 16.55
C VAL B 347 -6.61 -12.35 16.84
N ARG B 348 -6.46 -13.35 17.69
CA ARG B 348 -5.21 -13.78 18.18
C ARG B 348 -4.45 -14.41 17.02
N ASN B 349 -3.19 -14.08 16.90
CA ASN B 349 -2.38 -14.60 15.84
C ASN B 349 -1.72 -15.89 16.35
N PRO B 350 -2.16 -17.06 15.84
CA PRO B 350 -1.61 -18.30 16.32
C PRO B 350 -0.14 -18.52 15.99
N HIS B 351 0.43 -17.80 15.05
CA HIS B 351 1.80 -18.09 14.66
C HIS B 351 2.83 -17.29 15.42
N VAL B 352 2.46 -16.49 16.42
CA VAL B 352 3.48 -15.79 17.24
C VAL B 352 3.14 -15.90 18.71
N ASP B 353 4.12 -15.54 19.54
CA ASP B 353 3.95 -15.53 20.98
C ASP B 353 3.53 -14.18 21.41
N THR B 354 2.92 -14.18 22.60
CA THR B 354 2.56 -12.95 23.31
C THR B 354 3.32 -12.81 24.63
N THR B 355 3.40 -11.58 25.12
CA THR B 355 3.85 -11.29 26.48
C THR B 355 2.67 -11.65 27.42
N ASN B 356 2.79 -11.36 28.72
CA ASN B 356 1.71 -11.66 29.68
C ASN B 356 0.57 -10.64 29.61
N TRP B 357 0.88 -9.49 29.00
CA TRP B 357 -0.11 -8.47 28.71
C TRP B 357 -0.80 -8.66 27.33
N ASP B 358 -0.59 -9.83 26.74
CA ASP B 358 -1.20 -10.18 25.47
C ASP B 358 -0.64 -9.39 24.27
N TRP B 359 0.47 -8.67 24.46
CA TRP B 359 1.18 -8.03 23.37
C TRP B 359 1.93 -9.10 22.53
N ALA B 360 1.78 -9.03 21.22
CA ALA B 360 2.46 -9.97 20.32
C ALA B 360 3.96 -9.68 20.26
N ILE B 361 4.72 -10.76 20.23
CA ILE B 361 6.15 -10.73 19.99
C ILE B 361 6.33 -11.16 18.53
N ASP B 362 6.72 -10.20 17.71
CA ASP B 362 6.72 -10.34 16.27
C ASP B 362 7.77 -9.37 15.73
N PRO B 363 9.03 -9.75 15.89
CA PRO B 363 10.11 -8.95 15.31
C PRO B 363 10.02 -8.84 13.73
N VAL B 364 9.47 -9.87 13.06
CA VAL B 364 9.43 -9.85 11.58
C VAL B 364 8.47 -8.71 11.17
N GLY B 365 7.43 -8.54 12.00
CA GLY B 365 6.45 -7.44 11.93
C GLY B 365 7.04 -6.07 11.85
N LEU B 366 8.20 -5.93 12.45
CA LEU B 366 8.84 -4.65 12.38
C LEU B 366 9.45 -4.44 11.01
N ARG B 367 10.09 -5.49 10.48
CA ARG B 367 10.59 -5.39 9.09
C ARG B 367 9.44 -5.13 8.08
N ILE B 368 8.33 -5.82 8.26
CA ILE B 368 7.16 -5.60 7.40
C ILE B 368 6.72 -4.18 7.51
N GLY B 369 6.57 -3.72 8.76
CA GLY B 369 6.16 -2.32 9.03
C GLY B 369 7.10 -1.29 8.37
N LEU B 370 8.41 -1.51 8.47
CA LEU B 370 9.37 -0.57 7.89
C LEU B 370 9.33 -0.65 6.34
N ARG B 371 9.19 -1.88 5.82
CA ARG B 371 8.98 -2.08 4.37
C ARG B 371 7.70 -1.38 3.86
N ARG B 372 6.58 -1.40 4.63
CA ARG B 372 5.35 -0.70 4.17
C ARG B 372 5.44 0.81 4.10
N ILE B 373 6.13 1.39 5.05
CA ILE B 373 6.28 2.80 5.05
C ILE B 373 7.20 3.28 3.92
N ALA B 374 8.28 2.55 3.73
CA ALA B 374 9.20 2.89 2.59
C ALA B 374 8.48 2.69 1.24
N ASN B 375 7.80 1.59 1.11
CA ASN B 375 7.06 1.25 -0.14
C ASN B 375 5.94 2.20 -0.43
N ARG B 376 5.24 2.66 0.62
CA ARG B 376 4.08 3.53 0.39
C ARG B 376 4.49 5.02 0.28
N TYR B 377 5.45 5.44 1.10
CA TYR B 377 5.77 6.86 1.26
C TYR B 377 7.18 7.20 0.80
N GLN B 378 8.08 6.22 0.66
CA GLN B 378 9.50 6.49 0.34
C GLN B 378 10.17 7.40 1.39
N LEU B 379 9.82 7.23 2.67
CA LEU B 379 10.39 8.13 3.70
C LEU B 379 11.43 7.41 4.46
N PRO B 380 12.49 8.13 4.86
CA PRO B 380 13.31 7.61 5.95
C PRO B 380 12.51 7.40 7.24
N ILE B 381 12.91 6.44 8.05
CA ILE B 381 12.25 6.10 9.25
C ILE B 381 13.19 6.28 10.46
N LEU B 382 12.61 6.76 11.56
CA LEU B 382 13.35 6.78 12.81
C LEU B 382 12.54 6.05 13.79
N ILE B 383 13.06 4.93 14.24
CA ILE B 383 12.35 4.14 15.21
C ILE B 383 12.52 4.83 16.56
N THR B 384 11.44 5.39 17.05
CA THR B 384 11.43 6.20 18.20
C THR B 384 11.10 5.42 19.46
N GLU B 385 10.58 4.22 19.34
CA GLU B 385 10.35 3.43 20.49
C GLU B 385 10.22 2.05 20.04
N ASN B 386 10.85 1.12 20.78
CA ASN B 386 10.62 -0.33 20.71
C ASN B 386 11.15 -0.92 21.97
N GLY B 387 10.54 -1.93 22.53
CA GLY B 387 10.90 -2.31 23.89
C GLY B 387 10.03 -3.40 24.42
N LEU B 388 10.49 -4.07 25.50
CA LEU B 388 9.71 -5.12 26.15
C LEU B 388 9.47 -4.85 27.65
N GLY B 389 8.20 -4.94 28.04
CA GLY B 389 7.73 -4.62 29.37
C GLY B 389 7.56 -5.90 30.14
N GLU B 390 8.25 -6.00 31.28
CA GLU B 390 8.09 -7.19 32.10
C GLU B 390 8.54 -6.96 33.54
N PHE B 391 8.15 -7.88 34.42
CA PHE B 391 8.59 -7.90 35.79
C PHE B 391 10.08 -8.24 35.82
N ASP B 392 10.89 -7.41 36.50
CA ASP B 392 12.30 -7.69 36.81
C ASP B 392 12.45 -7.99 38.32
N THR B 393 13.20 -9.03 38.64
CA THR B 393 13.64 -9.31 39.98
C THR B 393 15.04 -8.75 40.24
N LEU B 394 15.23 -8.05 41.35
CA LEU B 394 16.58 -7.61 41.71
C LEU B 394 17.18 -8.68 42.59
N GLU B 395 18.30 -9.23 42.16
CA GLU B 395 18.88 -10.36 42.86
C GLU B 395 20.12 -9.90 43.58
N PRO B 396 20.55 -10.66 44.60
CA PRO B 396 21.70 -10.19 45.39
C PRO B 396 22.95 -9.94 44.55
N GLY B 397 23.64 -8.88 44.88
CA GLY B 397 24.84 -8.46 44.19
C GLY B 397 24.53 -7.45 43.09
N ASP B 398 23.38 -6.77 43.18
CA ASP B 398 23.00 -5.72 42.23
C ASP B 398 22.82 -6.25 40.80
N ILE B 399 22.27 -7.46 40.71
CA ILE B 399 22.10 -8.23 39.49
C ILE B 399 20.62 -8.28 39.10
N VAL B 400 20.29 -7.74 37.91
CA VAL B 400 18.98 -7.97 37.25
C VAL B 400 19.15 -8.72 35.90
N ASN B 401 18.68 -9.97 35.87
CA ASN B 401 18.93 -10.88 34.75
C ASN B 401 17.75 -10.83 33.79
N ASP B 402 17.77 -9.82 32.92
CA ASP B 402 16.64 -9.55 32.06
C ASP B 402 16.91 -10.17 30.65
N ASP B 403 17.08 -11.50 30.62
CA ASP B 403 17.35 -12.26 29.38
C ASP B 403 16.21 -12.14 28.40
N TYR B 404 14.99 -12.33 28.94
CA TYR B 404 13.71 -12.06 28.25
C TYR B 404 13.77 -10.77 27.46
N ARG B 405 14.34 -9.72 28.06
CA ARG B 405 14.38 -8.39 27.45
C ARG B 405 15.46 -8.34 26.40
N ILE B 406 16.59 -9.01 26.65
CA ILE B 406 17.66 -9.00 25.67
C ILE B 406 17.19 -9.71 24.38
N ASP B 407 16.51 -10.82 24.57
CA ASP B 407 16.06 -11.68 23.52
C ASP B 407 15.11 -10.89 22.61
N TYR B 408 14.17 -10.17 23.20
CA TYR B 408 13.20 -9.40 22.43
C TYR B 408 13.94 -8.33 21.67
N LEU B 409 14.82 -7.57 22.30
CA LEU B 409 15.47 -6.47 21.56
C LEU B 409 16.43 -6.89 20.41
N ARG B 410 17.16 -7.98 20.67
CA ARG B 410 18.11 -8.58 19.74
C ARG B 410 17.40 -8.90 18.39
N ARG B 411 16.34 -9.71 18.48
CA ARG B 411 15.49 -10.10 17.35
C ARG B 411 14.91 -8.92 16.59
N HIS B 412 14.48 -7.88 17.30
CA HIS B 412 14.05 -6.66 16.64
C HIS B 412 15.19 -5.95 15.96
N VAL B 413 16.34 -5.84 16.62
CA VAL B 413 17.46 -5.20 15.92
C VAL B 413 17.92 -6.00 14.67
N GLN B 414 17.87 -7.35 14.72
CA GLN B 414 18.23 -8.25 13.59
C GLN B 414 17.34 -7.91 12.38
N GLU B 415 16.05 -7.90 12.65
CA GLU B 415 15.02 -7.55 11.65
C GLU B 415 15.19 -6.14 11.10
N ILE B 416 15.58 -5.21 11.91
CA ILE B 416 15.98 -3.91 11.33
C ILE B 416 17.13 -4.04 10.31
N GLN B 417 18.15 -4.82 10.64
CA GLN B 417 19.29 -4.92 9.77
C GLN B 417 18.83 -5.45 8.37
N ARG B 418 17.93 -6.42 8.41
CA ARG B 418 17.28 -7.01 7.25
C ARG B 418 16.49 -5.99 6.46
N ALA B 419 15.76 -5.13 7.16
CA ALA B 419 15.09 -4.02 6.51
C ALA B 419 16.03 -3.08 5.81
N ILE B 420 17.14 -2.75 6.46
CA ILE B 420 18.11 -1.89 5.83
C ILE B 420 18.72 -2.61 4.59
N THR B 421 18.91 -3.93 4.70
CA THR B 421 19.47 -4.71 3.63
C THR B 421 18.47 -4.70 2.45
N ASP B 422 17.16 -4.91 2.73
CA ASP B 422 16.07 -4.66 1.75
C ASP B 422 16.09 -3.26 1.11
N GLY B 423 16.78 -2.27 1.68
CA GLY B 423 16.71 -0.91 1.11
C GLY B 423 15.96 0.17 1.91
N VAL B 424 15.31 -0.19 3.02
CA VAL B 424 14.69 0.84 3.89
C VAL B 424 15.77 1.78 4.50
N ASP B 425 15.55 3.08 4.47
CA ASP B 425 16.44 4.05 5.15
C ASP B 425 16.05 4.27 6.64
N VAL B 426 16.69 3.54 7.54
CA VAL B 426 16.45 3.64 9.00
C VAL B 426 17.50 4.53 9.60
N LEU B 427 17.10 5.68 10.12
CA LEU B 427 18.05 6.64 10.67
C LEU B 427 18.57 6.27 12.04
N GLY B 428 17.85 5.47 12.80
CA GLY B 428 18.13 5.35 14.20
C GLY B 428 17.15 4.41 14.86
N TYR B 429 17.55 3.91 16.02
CA TYR B 429 16.71 3.07 16.81
C TYR B 429 16.80 3.57 18.28
N CYS B 430 15.66 3.84 18.91
CA CYS B 430 15.57 4.29 20.32
C CYS B 430 14.88 3.23 21.18
N ALA B 431 15.62 2.43 21.95
CA ALA B 431 14.95 1.46 22.79
C ALA B 431 14.15 2.19 23.86
N TRP B 432 13.08 1.54 24.29
CA TRP B 432 12.15 2.10 25.26
C TRP B 432 12.29 1.12 26.38
N SER B 433 12.84 1.54 27.54
CA SER B 433 13.24 2.94 27.81
C SER B 433 14.65 2.94 28.40
N PHE B 434 15.29 4.08 28.55
CA PHE B 434 16.57 4.07 29.25
C PHE B 434 16.55 3.52 30.75
N THR B 435 15.83 4.23 31.63
CA THR B 435 15.50 3.79 33.03
C THR B 435 14.12 3.30 33.04
N ASP B 436 13.81 2.49 34.01
CA ASP B 436 12.50 2.07 34.26
C ASP B 436 11.76 3.38 34.50
N LEU B 437 10.48 3.41 34.24
CA LEU B 437 9.71 4.59 34.40
C LEU B 437 8.28 4.30 34.81
N LEU B 438 7.48 5.33 34.88
CA LEU B 438 6.10 5.17 35.26
C LEU B 438 5.20 4.93 34.10
N SER B 439 4.53 3.81 34.14
CA SER B 439 3.47 3.55 33.16
C SER B 439 2.27 4.47 33.38
N TRP B 440 1.66 4.96 32.30
CA TRP B 440 0.54 5.91 32.41
C TRP B 440 -0.56 5.37 33.32
N LEU B 441 -0.95 4.12 33.09
CA LEU B 441 -2.00 3.47 33.87
C LEU B 441 -1.53 2.33 34.82
N ASN B 442 -0.43 1.68 34.47
CA ASN B 442 -0.11 0.39 35.06
C ASN B 442 0.93 0.41 36.14
N GLY B 443 1.32 1.57 36.63
CA GLY B 443 2.30 1.63 37.68
C GLY B 443 3.71 1.36 37.21
N TYR B 444 4.46 0.61 38.03
CA TYR B 444 5.94 0.50 37.87
C TYR B 444 6.39 -0.93 37.67
N GLN B 445 5.61 -1.89 38.09
CA GLN B 445 6.15 -3.24 38.08
C GLN B 445 6.43 -3.79 36.65
N LYS B 446 5.70 -3.32 35.65
CA LYS B 446 5.96 -3.64 34.25
C LYS B 446 7.07 -2.79 33.68
N ARG B 447 8.28 -3.30 33.78
CA ARG B 447 9.45 -2.49 33.51
C ARG B 447 9.96 -2.60 32.06
N TYR B 448 10.43 -1.48 31.50
CA TYR B 448 11.02 -1.38 30.16
C TYR B 448 12.49 -0.94 30.13
N GLY B 449 13.08 -0.71 31.30
CA GLY B 449 14.35 -0.04 31.28
C GLY B 449 15.59 -0.90 31.02
N PHE B 450 16.64 -0.28 30.50
CA PHE B 450 17.99 -0.90 30.57
C PHE B 450 18.49 -0.79 32.02
N VAL B 451 18.10 0.31 32.68
CA VAL B 451 18.49 0.65 34.06
C VAL B 451 17.30 0.51 35.02
N TYR B 452 17.38 -0.46 35.92
CA TYR B 452 16.42 -0.69 36.98
C TYR B 452 16.39 0.51 37.95
N VAL B 453 15.18 0.92 38.33
CA VAL B 453 14.98 2.01 39.30
C VAL B 453 14.27 1.42 40.49
N ASN B 454 14.85 1.66 41.67
CA ASN B 454 14.51 0.89 42.88
C ASN B 454 13.26 1.56 43.52
N ARG B 455 12.11 1.13 43.02
CA ARG B 455 10.83 1.52 43.58
C ARG B 455 9.80 0.54 43.08
N ASP B 456 8.73 0.37 43.84
CA ASP B 456 7.59 -0.38 43.33
C ASP B 456 6.32 0.46 43.51
N ASP B 457 5.14 -0.16 43.45
CA ASP B 457 3.88 0.60 43.44
C ASP B 457 3.50 1.11 44.83
N GLU B 458 3.75 0.28 45.84
CA GLU B 458 3.69 0.70 47.26
C GLU B 458 4.84 1.66 47.67
N SER B 459 6.02 1.05 47.85
CA SER B 459 7.16 1.70 48.47
C SER B 459 7.91 2.53 47.41
N GLU B 460 8.16 3.81 47.70
CA GLU B 460 8.97 4.64 46.81
C GLU B 460 10.48 4.41 46.97
N LYS B 461 10.85 3.88 48.13
CA LYS B 461 12.24 3.59 48.48
C LYS B 461 13.18 4.70 48.12
N ASP B 462 14.33 4.36 47.53
CA ASP B 462 15.35 5.37 47.22
C ASP B 462 15.53 5.74 45.76
N LEU B 463 14.85 5.03 44.86
CA LEU B 463 14.90 5.29 43.39
C LEU B 463 16.35 5.14 42.85
N ARG B 464 17.16 4.29 43.49
CA ARG B 464 18.52 4.07 43.00
C ARG B 464 18.47 3.29 41.66
N ARG B 465 19.29 3.82 40.76
CA ARG B 465 19.61 3.21 39.48
C ARG B 465 20.53 2.00 39.61
N ILE B 466 20.11 0.85 39.09
CA ILE B 466 20.94 -0.34 39.01
C ILE B 466 20.96 -0.85 37.55
N LYS B 467 22.16 -0.95 36.95
CA LYS B 467 22.34 -1.55 35.57
C LYS B 467 21.83 -2.97 35.40
N LYS B 468 20.86 -3.17 34.52
CA LYS B 468 20.41 -4.54 34.25
C LYS B 468 21.43 -5.24 33.26
N LYS B 469 21.44 -6.57 33.22
CA LYS B 469 22.14 -7.32 32.12
C LYS B 469 22.00 -6.67 30.69
N SER B 470 20.75 -6.45 30.25
CA SER B 470 20.43 -5.66 29.03
C SER B 470 21.20 -4.39 28.82
N PHE B 471 21.48 -3.67 29.90
CA PHE B 471 22.31 -2.46 29.80
C PHE B 471 23.64 -2.80 29.08
N TYR B 472 24.23 -3.95 29.44
CA TYR B 472 25.63 -4.28 29.03
C TYR B 472 25.53 -4.97 27.66
N TRP B 473 24.51 -5.81 27.49
CA TRP B 473 24.13 -6.27 26.15
C TRP B 473 24.11 -5.09 25.15
N TYR B 474 23.42 -4.01 25.49
CA TYR B 474 23.21 -2.96 24.51
C TYR B 474 24.42 -2.12 24.38
N GLN B 475 25.17 -2.05 25.47
CA GLN B 475 26.51 -1.50 25.42
C GLN B 475 27.42 -2.11 24.30
N ARG B 476 27.39 -3.44 24.24
CA ARG B 476 28.14 -4.23 23.27
C ARG B 476 27.61 -3.99 21.85
N VAL B 477 26.28 -4.04 21.68
CA VAL B 477 25.66 -3.67 20.43
C VAL B 477 26.16 -2.31 19.91
N ILE B 478 26.20 -1.30 20.76
CA ILE B 478 26.63 -0.02 20.23
C ILE B 478 28.14 0.01 19.85
N GLU B 479 28.92 -0.61 20.71
CA GLU B 479 30.36 -0.69 20.55
C GLU B 479 30.67 -1.31 19.18
N THR B 480 30.03 -2.43 18.87
CA THR B 480 30.21 -3.08 17.58
C THR B 480 29.31 -2.58 16.42
N ASN B 481 28.82 -1.34 16.46
CA ASN B 481 27.81 -0.84 15.50
C ASN B 481 26.77 -1.86 15.00
N GLY B 482 26.37 -2.73 15.90
CA GLY B 482 25.44 -3.73 15.56
C GLY B 482 25.97 -5.03 15.02
N ALA B 483 27.29 -5.16 14.78
CA ALA B 483 27.81 -6.46 14.30
C ALA B 483 27.67 -7.56 15.35
N GLU B 484 27.74 -7.17 16.63
CA GLU B 484 27.70 -8.19 17.70
C GLU B 484 26.41 -8.10 18.54
N LEU B 485 25.58 -9.13 18.45
CA LEU B 485 24.25 -9.08 19.00
C LEU B 485 24.00 -10.38 19.75
C1 BG6 C . -5.77 -11.78 -20.84
C2 BG6 C . -5.49 -11.25 -22.23
O1 BG6 C . -4.71 -12.58 -20.29
O5 BG6 C . -6.85 -12.71 -20.82
C3 BG6 C . -6.42 -11.81 -23.34
O2 BG6 C . -5.52 -9.79 -22.26
C4 BG6 C . -6.64 -13.29 -23.27
O3 BG6 C . -5.92 -11.38 -24.63
C5 BG6 C . -7.07 -13.70 -21.84
O4 BG6 C . -7.70 -13.70 -24.18
C6 BG6 C . -6.48 -14.96 -21.29
O6 BG6 C . -6.59 -15.94 -22.27
P BG6 C . -6.65 -17.50 -21.87
O1P BG6 C . -5.15 -18.08 -21.79
O2P BG6 C . -7.57 -17.88 -20.61
O3P BG6 C . -7.33 -18.19 -23.00
C1 GOL D . -0.75 11.64 -2.73
O1 GOL D . -0.22 12.95 -2.61
C2 GOL D . -0.02 10.87 -3.84
O2 GOL D . 1.35 11.26 -3.96
C3 GOL D . -0.12 9.34 -3.64
O3 GOL D . -0.60 8.69 -4.85
C1 GOL E . 16.14 4.01 -9.26
O1 GOL E . 17.45 4.55 -9.48
C2 GOL E . 15.88 3.89 -7.76
O2 GOL E . 16.88 4.67 -7.07
C3 GOL E . 14.50 4.41 -7.41
O3 GOL E . 13.56 3.34 -7.51
N1 IMD F . 11.04 -12.12 -40.29
C2 IMD F . 10.64 -13.38 -39.93
N3 IMD F . 9.68 -13.81 -40.82
C4 IMD F . 9.49 -12.81 -41.71
C5 IMD F . 10.33 -11.74 -41.39
C1 BG6 G . 3.72 3.15 24.64
C2 BG6 G . 3.96 4.54 25.14
O1 BG6 G . 2.50 3.12 23.87
O5 BG6 G . 3.49 2.13 25.66
C3 BG6 G . 4.84 4.53 26.40
O2 BG6 G . 4.51 5.49 24.14
C4 BG6 G . 4.53 3.54 27.51
O3 BG6 G . 4.77 5.84 26.94
C5 BG6 G . 4.07 2.16 26.97
O4 BG6 G . 5.68 3.29 28.38
C6 BG6 G . 2.92 1.70 27.80
O6 BG6 G . 3.13 0.35 28.00
P BG6 G . 2.64 -0.23 29.42
O1P BG6 G . 3.40 0.40 30.52
O2P BG6 G . 1.11 0.19 29.75
O3P BG6 G . 2.87 -1.85 29.27
C1 GOL H . 4.70 9.29 -2.62
O1 GOL H . 4.45 8.07 -1.93
C2 GOL H . 4.25 9.29 -4.08
O2 GOL H . 3.66 10.58 -4.28
C3 GOL H . 5.41 9.21 -5.07
O3 GOL H . 5.36 10.32 -5.99
C1 GOL I . -10.73 13.82 2.00
O1 GOL I . -10.18 12.51 1.80
C2 GOL I . -11.51 14.19 0.76
O2 GOL I . -11.42 13.07 -0.09
C3 GOL I . -12.97 14.45 1.05
O3 GOL I . -13.18 15.86 1.14
#